data_5Z3R
#
_entry.id   5Z3R
#
_cell.length_a   95.630
_cell.length_b   107.840
_cell.length_c   301.660
_cell.angle_alpha   90.000
_cell.angle_beta   90.000
_cell.angle_gamma   90.000
#
_symmetry.space_group_name_H-M   'C 2 2 21'
#
loop_
_entity.id
_entity.type
_entity.pdbx_description
1 polymer 'Steroid delta-isomerase'
2 water water
#
_entity_poly.entity_id   1
_entity_poly.type   'polypeptide(L)'
_entity_poly.pdbx_seq_one_letter_code
;MTQSSQDTTVSPVVAASQNSWRCVQSGDREGWLALMADDIVVEDPIGEAVTNPDGTGVRGKAALAAFYDTNIGPNRLRVT
CEATFPSSSPTEIAYILVLETTFPNGFVATVRGVFTYRVDDAGLITNLRGYWNMDAMTFTEAPDR
;
_entity_poly.pdbx_strand_id   A,D,F,C,G,H,E,B
#
# COMPACT_ATOMS: atom_id res chain seq x y z
N VAL A 10 9.80 4.85 12.06
CA VAL A 10 8.81 4.68 13.19
C VAL A 10 9.39 3.92 14.39
N SER A 11 9.26 4.46 15.60
CA SER A 11 9.85 3.79 16.78
C SER A 11 9.15 2.45 17.14
N PRO A 12 9.81 1.50 17.81
CA PRO A 12 9.08 0.29 18.23
C PRO A 12 7.86 0.51 19.19
N VAL A 13 8.05 1.33 20.25
CA VAL A 13 6.92 1.70 21.11
C VAL A 13 5.74 2.36 20.36
N VAL A 14 5.97 3.16 19.33
CA VAL A 14 4.88 3.77 18.56
C VAL A 14 4.20 2.74 17.66
N ALA A 15 4.95 1.84 17.06
CA ALA A 15 4.33 0.81 16.17
C ALA A 15 3.38 -0.07 17.00
N ALA A 16 3.87 -0.51 18.14
CA ALA A 16 3.20 -1.41 19.03
C ALA A 16 1.97 -0.78 19.65
N SER A 17 2.18 0.38 20.27
CA SER A 17 1.09 1.14 20.87
C SER A 17 -0.04 1.46 19.88
N GLN A 18 0.27 1.80 18.63
CA GLN A 18 -0.83 2.14 17.67
C GLN A 18 -1.39 0.95 16.88
N ASN A 19 -0.64 -0.15 16.83
CA ASN A 19 -1.16 -1.46 16.47
C ASN A 19 -2.14 -1.98 17.52
N SER A 20 -1.87 -1.70 18.78
CA SER A 20 -2.83 -1.96 19.85
C SER A 20 -4.14 -1.17 19.64
N TRP A 21 -4.04 0.13 19.36
CA TRP A 21 -5.26 0.90 19.15
C TRP A 21 -6.06 0.33 17.95
N ARG A 22 -5.40 -0.08 16.87
CA ARG A 22 -6.15 -0.59 15.73
C ARG A 22 -6.82 -1.94 16.07
N CYS A 23 -6.11 -2.77 16.85
CA CYS A 23 -6.59 -4.10 17.21
C CYS A 23 -7.82 -4.03 18.16
N VAL A 24 -7.74 -3.30 19.28
CA VAL A 24 -8.91 -3.12 20.19
C VAL A 24 -10.12 -2.45 19.54
N GLN A 25 -9.88 -1.54 18.59
CA GLN A 25 -10.96 -0.85 17.88
C GLN A 25 -11.67 -1.72 16.81
N SER A 26 -11.10 -2.85 16.43
CA SER A 26 -11.63 -3.61 15.30
C SER A 26 -11.92 -5.09 15.65
N GLY A 27 -11.97 -5.43 16.93
CA GLY A 27 -12.15 -6.79 17.39
C GLY A 27 -11.11 -7.82 16.95
N ASP A 28 -9.83 -7.49 17.03
CA ASP A 28 -8.74 -8.38 16.62
C ASP A 28 -8.03 -8.88 17.89
N ARG A 29 -8.71 -9.77 18.59
CA ARG A 29 -8.26 -10.37 19.86
C ARG A 29 -6.82 -10.99 19.84
N GLU A 30 -6.43 -11.62 18.73
CA GLU A 30 -5.14 -12.35 18.63
C GLU A 30 -4.06 -11.36 18.16
N GLY A 31 -4.38 -10.57 17.12
CA GLY A 31 -3.65 -9.32 16.79
C GLY A 31 -3.24 -8.58 18.06
N TRP A 32 -4.20 -8.34 18.96
CA TRP A 32 -3.97 -7.61 20.20
C TRP A 32 -3.10 -8.39 21.13
N LEU A 33 -3.42 -9.67 21.31
CA LEU A 33 -2.64 -10.50 22.24
C LEU A 33 -1.22 -10.75 21.73
N ALA A 34 -1.10 -10.92 20.41
CA ALA A 34 0.22 -11.11 19.76
C ALA A 34 1.22 -9.90 19.95
N LEU A 35 0.71 -8.69 20.17
CA LEU A 35 1.55 -7.49 20.45
C LEU A 35 2.16 -7.46 21.85
N MET A 36 1.77 -8.43 22.68
CA MET A 36 2.00 -8.34 24.11
C MET A 36 3.02 -9.37 24.51
N ALA A 37 3.96 -8.95 25.34
CA ALA A 37 4.97 -9.85 25.91
C ALA A 37 4.34 -10.78 26.96
N ASP A 38 4.96 -11.94 27.16
CA ASP A 38 4.55 -12.92 28.19
C ASP A 38 4.48 -12.32 29.61
N ASP A 39 5.36 -11.37 29.92
CA ASP A 39 5.32 -10.58 31.17
C ASP A 39 4.52 -9.22 31.12
N ILE A 40 3.57 -9.11 30.17
CA ILE A 40 2.69 -7.93 30.11
C ILE A 40 2.02 -7.61 31.45
N VAL A 41 1.93 -6.31 31.79
CA VAL A 41 1.17 -5.78 32.93
C VAL A 41 0.34 -4.55 32.54
N VAL A 42 -0.92 -4.81 32.17
CA VAL A 42 -1.89 -3.80 31.85
C VAL A 42 -2.56 -3.31 33.12
N GLU A 43 -2.40 -2.02 33.37
CA GLU A 43 -2.99 -1.31 34.47
C GLU A 43 -3.82 -0.14 33.93
N ASP A 44 -5.03 -0.47 33.50
CA ASP A 44 -5.99 0.49 33.03
C ASP A 44 -7.13 0.62 34.07
N PRO A 45 -7.07 1.59 34.97
CA PRO A 45 -5.98 2.50 35.20
C PRO A 45 -5.07 1.92 36.23
N ILE A 46 -4.14 2.74 36.70
CA ILE A 46 -3.30 2.43 37.83
C ILE A 46 -4.13 2.63 39.09
N GLY A 47 -4.00 1.69 40.02
CA GLY A 47 -4.78 1.71 41.25
C GLY A 47 -6.10 0.98 41.14
N GLU A 48 -6.76 0.82 42.29
CA GLU A 48 -7.99 0.02 42.35
C GLU A 48 -9.12 0.76 41.66
N ALA A 49 -9.75 0.07 40.71
CA ALA A 49 -10.93 0.58 40.02
C ALA A 49 -11.71 -0.55 39.31
N VAL A 50 -12.80 -0.19 38.68
CA VAL A 50 -13.75 -1.13 38.06
C VAL A 50 -13.08 -2.15 37.13
N THR A 51 -12.05 -1.68 36.43
CA THR A 51 -11.31 -2.45 35.43
C THR A 51 -9.86 -2.86 35.93
N ASN A 52 -9.45 -2.35 37.09
CA ASN A 52 -8.31 -2.87 37.87
C ASN A 52 -8.79 -3.23 39.32
N PRO A 53 -9.58 -4.33 39.46
CA PRO A 53 -10.20 -4.65 40.76
C PRO A 53 -9.15 -4.92 41.88
N ASP A 54 -8.34 -5.94 41.67
CA ASP A 54 -6.98 -6.14 42.19
C ASP A 54 -6.16 -4.91 42.67
N GLY A 55 -6.19 -3.80 41.92
CA GLY A 55 -5.25 -2.66 42.14
C GLY A 55 -3.79 -2.82 41.64
N THR A 56 -3.42 -4.03 41.22
CA THR A 56 -2.06 -4.39 40.78
C THR A 56 -2.02 -4.93 39.32
N GLY A 57 -3.08 -4.69 38.56
CA GLY A 57 -3.09 -4.89 37.13
C GLY A 57 -3.29 -6.30 36.71
N VAL A 58 -3.62 -6.44 35.44
CA VAL A 58 -3.82 -7.73 34.78
C VAL A 58 -2.48 -8.28 34.27
N ARG A 59 -2.13 -9.51 34.66
CA ARG A 59 -0.79 -10.08 34.41
C ARG A 59 -0.75 -11.34 33.49
N GLY A 60 0.14 -11.28 32.49
CA GLY A 60 0.35 -12.37 31.56
C GLY A 60 -0.74 -12.43 30.51
N LYS A 61 -0.43 -13.11 29.41
CA LYS A 61 -1.36 -13.27 28.29
C LYS A 61 -2.61 -14.03 28.72
N ALA A 62 -2.47 -14.87 29.74
CA ALA A 62 -3.57 -15.56 30.38
C ALA A 62 -4.67 -14.59 30.89
N ALA A 63 -4.33 -13.81 31.91
CA ALA A 63 -5.33 -12.91 32.51
C ALA A 63 -5.81 -11.79 31.57
N LEU A 64 -4.99 -11.42 30.58
CA LEU A 64 -5.30 -10.35 29.63
C LEU A 64 -6.27 -10.84 28.57
N ALA A 65 -6.15 -12.10 28.17
CA ALA A 65 -7.19 -12.74 27.34
C ALA A 65 -8.57 -12.64 27.99
N ALA A 66 -8.64 -12.95 29.27
CA ALA A 66 -9.88 -12.86 30.06
C ALA A 66 -10.40 -11.42 30.08
N PHE A 67 -9.51 -10.51 30.50
CA PHE A 67 -9.75 -9.05 30.49
C PHE A 67 -10.39 -8.57 29.18
N TYR A 68 -9.84 -9.03 28.05
CA TYR A 68 -10.40 -8.69 26.75
C TYR A 68 -11.83 -9.16 26.62
N ASP A 69 -12.10 -10.43 26.93
CA ASP A 69 -13.43 -11.03 26.68
C ASP A 69 -14.51 -10.49 27.61
N THR A 70 -14.13 -10.12 28.83
CA THR A 70 -14.97 -9.37 29.73
C THR A 70 -15.23 -7.95 29.22
N ASN A 71 -14.18 -7.10 29.15
CA ASN A 71 -14.35 -5.63 28.93
C ASN A 71 -14.26 -5.07 27.53
N ILE A 72 -13.76 -5.84 26.57
CA ILE A 72 -13.51 -5.28 25.22
C ILE A 72 -14.24 -6.01 24.11
N GLY A 73 -14.05 -7.33 24.04
CA GLY A 73 -14.70 -8.20 23.01
C GLY A 73 -16.20 -8.03 22.80
N PRO A 74 -17.00 -7.89 23.89
CA PRO A 74 -18.45 -7.56 23.84
C PRO A 74 -18.81 -6.18 23.27
N ASN A 75 -17.98 -5.19 23.55
CA ASN A 75 -18.32 -3.79 23.35
C ASN A 75 -17.68 -3.20 22.08
N ARG A 76 -17.87 -1.89 21.88
CA ARG A 76 -17.21 -1.12 20.85
C ARG A 76 -16.27 -0.21 21.64
N LEU A 77 -14.96 -0.39 21.49
CA LEU A 77 -13.97 0.50 22.11
C LEU A 77 -13.44 1.49 21.06
N ARG A 78 -13.37 2.77 21.40
CA ARG A 78 -12.78 3.79 20.52
C ARG A 78 -11.63 4.48 21.25
N VAL A 79 -10.44 4.46 20.64
CA VAL A 79 -9.26 5.23 21.07
C VAL A 79 -9.11 6.46 20.19
N THR A 80 -8.92 7.60 20.85
CA THR A 80 -8.68 8.86 20.21
C THR A 80 -7.37 9.39 20.79
N CYS A 81 -6.44 9.82 19.95
CA CYS A 81 -5.17 10.40 20.39
C CYS A 81 -5.22 11.92 20.25
N GLU A 82 -5.03 12.63 21.38
CA GLU A 82 -5.05 14.08 21.43
C GLU A 82 -3.66 14.69 21.38
N ALA A 83 -2.67 13.97 21.94
CA ALA A 83 -1.29 14.40 22.03
C ALA A 83 -0.33 13.22 22.25
N THR A 84 0.87 13.33 21.67
CA THR A 84 1.93 12.34 21.75
C THR A 84 3.04 12.97 22.52
N PHE A 85 3.62 12.25 23.47
CA PHE A 85 4.80 12.73 24.17
C PHE A 85 5.86 11.66 24.07
N PRO A 86 6.57 11.58 22.92
CA PRO A 86 7.74 10.69 22.87
C PRO A 86 8.80 11.07 23.88
N SER A 87 9.48 10.05 24.40
CA SER A 87 10.61 10.24 25.30
C SER A 87 11.91 10.31 24.46
N SER A 88 13.05 10.26 25.13
CA SER A 88 14.31 10.10 24.44
C SER A 88 14.73 8.63 24.27
N SER A 89 13.80 7.68 24.48
CA SER A 89 14.01 6.24 24.27
C SER A 89 13.03 5.71 23.29
N PRO A 90 13.49 4.90 22.32
CA PRO A 90 12.51 4.42 21.35
C PRO A 90 11.56 3.33 21.90
N THR A 91 11.72 2.92 23.17
CA THR A 91 10.89 1.88 23.77
C THR A 91 9.83 2.35 24.78
N GLU A 92 9.62 3.67 24.95
CA GLU A 92 8.74 4.26 25.96
C GLU A 92 8.09 5.56 25.47
N ILE A 93 6.78 5.67 25.53
CA ILE A 93 6.08 6.89 25.10
C ILE A 93 4.85 7.14 26.01
N ALA A 94 4.39 8.38 26.04
CA ALA A 94 3.16 8.75 26.75
C ALA A 94 2.23 9.43 25.79
N TYR A 95 0.95 9.25 26.06
CA TYR A 95 -0.06 9.89 25.24
C TYR A 95 -1.13 10.48 26.12
N ILE A 96 -1.93 11.35 25.53
CA ILE A 96 -3.20 11.77 26.09
C ILE A 96 -4.15 11.08 25.16
N LEU A 97 -4.84 10.08 25.71
CA LEU A 97 -5.94 9.46 25.02
C LEU A 97 -7.28 9.76 25.70
N VAL A 98 -8.32 9.77 24.88
CA VAL A 98 -9.66 9.59 25.29
C VAL A 98 -10.09 8.20 24.88
N LEU A 99 -10.44 7.36 25.86
CA LEU A 99 -11.13 6.04 25.65
C LEU A 99 -12.68 6.12 25.80
N GLU A 100 -13.37 5.46 24.89
CA GLU A 100 -14.83 5.53 24.78
C GLU A 100 -15.35 4.12 24.53
N THR A 101 -15.81 3.48 25.62
CA THR A 101 -16.50 2.18 25.52
C THR A 101 -18.04 2.35 25.39
N THR A 102 -18.60 1.95 24.25
CA THR A 102 -20.05 1.79 24.03
C THR A 102 -20.46 0.35 24.30
N PHE A 103 -21.33 0.16 25.30
CA PHE A 103 -21.86 -1.17 25.63
C PHE A 103 -23.03 -1.52 24.72
N PRO A 104 -23.38 -2.83 24.58
CA PRO A 104 -24.50 -3.22 23.67
C PRO A 104 -25.86 -2.52 23.93
N ASN A 105 -26.18 -2.21 25.20
CA ASN A 105 -27.38 -1.43 25.54
C ASN A 105 -27.32 0.05 25.18
N GLY A 106 -26.41 0.46 24.29
CA GLY A 106 -26.24 1.89 23.94
C GLY A 106 -25.66 2.80 25.03
N PHE A 107 -25.22 2.19 26.14
CA PHE A 107 -24.55 2.93 27.24
C PHE A 107 -23.08 3.23 26.87
N VAL A 108 -22.66 4.47 27.12
CA VAL A 108 -21.34 4.94 26.70
C VAL A 108 -20.50 5.55 27.82
N ALA A 109 -19.43 4.85 28.23
CA ALA A 109 -18.46 5.39 29.22
C ALA A 109 -17.18 5.93 28.54
N THR A 110 -16.86 7.19 28.86
CA THR A 110 -15.78 7.95 28.23
C THR A 110 -14.81 8.46 29.31
N VAL A 111 -13.50 8.42 29.05
CA VAL A 111 -12.48 8.93 30.01
C VAL A 111 -11.24 9.53 29.31
N ARG A 112 -10.72 10.63 29.82
CA ARG A 112 -9.52 11.25 29.33
C ARG A 112 -8.44 10.94 30.36
N GLY A 113 -7.27 10.51 29.88
CA GLY A 113 -6.12 10.21 30.73
C GLY A 113 -4.78 10.23 30.01
N VAL A 114 -3.70 10.24 30.79
CA VAL A 114 -2.39 9.94 30.30
C VAL A 114 -2.13 8.44 30.28
N PHE A 115 -1.66 7.94 29.14
CA PHE A 115 -1.38 6.52 28.93
C PHE A 115 0.06 6.35 28.52
N THR A 116 0.81 5.64 29.35
CA THR A 116 2.18 5.32 29.06
C THR A 116 2.33 3.92 28.51
N TYR A 117 3.22 3.76 27.54
CA TYR A 117 3.60 2.45 27.02
C TYR A 117 5.11 2.17 27.14
N ARG A 118 5.43 0.87 27.14
CA ARG A 118 6.78 0.32 27.13
C ARG A 118 6.79 -1.02 26.38
N VAL A 119 7.78 -1.19 25.51
CA VAL A 119 8.03 -2.43 24.82
C VAL A 119 9.39 -2.95 25.28
N ASP A 120 9.59 -4.26 25.16
CA ASP A 120 10.90 -4.91 25.43
C ASP A 120 11.79 -4.76 24.19
N ASP A 121 12.96 -5.38 24.20
CA ASP A 121 13.87 -5.36 23.03
C ASP A 121 13.39 -6.22 21.85
N ALA A 122 12.42 -7.10 22.05
CA ALA A 122 11.78 -7.76 20.89
C ALA A 122 10.69 -6.89 20.20
N GLY A 123 10.31 -5.76 20.81
CA GLY A 123 9.24 -4.90 20.25
C GLY A 123 7.82 -5.16 20.77
N LEU A 124 7.68 -5.92 21.86
CA LEU A 124 6.39 -6.33 22.41
C LEU A 124 6.08 -5.55 23.70
N ILE A 125 4.81 -5.26 23.92
CA ILE A 125 4.39 -4.42 25.03
C ILE A 125 4.56 -5.20 26.32
N THR A 126 5.23 -4.60 27.29
CA THR A 126 5.34 -5.13 28.62
C THR A 126 4.57 -4.32 29.67
N ASN A 127 4.12 -3.12 29.33
CA ASN A 127 3.54 -2.22 30.32
C ASN A 127 2.63 -1.28 29.57
N LEU A 128 1.34 -1.22 29.98
CA LEU A 128 0.35 -0.24 29.51
C LEU A 128 -0.25 0.30 30.79
N ARG A 129 -0.17 1.61 30.97
CA ARG A 129 -0.46 2.24 32.25
C ARG A 129 -1.31 3.48 32.02
N GLY A 130 -2.47 3.54 32.68
CA GLY A 130 -3.47 4.61 32.50
C GLY A 130 -3.58 5.46 33.75
N TYR A 131 -3.39 6.77 33.58
CA TYR A 131 -3.55 7.73 34.66
C TYR A 131 -4.93 8.39 34.54
N TRP A 132 -5.90 7.81 35.26
CA TRP A 132 -7.28 8.30 35.41
C TRP A 132 -8.02 7.64 36.59
N ASN A 133 -9.11 8.29 37.03
CA ASN A 133 -10.05 7.69 38.01
C ASN A 133 -11.49 7.91 37.61
N MET A 134 -12.39 7.31 38.39
CA MET A 134 -13.83 7.38 38.17
C MET A 134 -14.34 8.82 38.24
N ASP A 135 -13.76 9.66 39.09
CA ASP A 135 -14.06 11.14 39.11
C ASP A 135 -13.99 11.85 37.75
N ALA A 136 -13.23 11.30 36.80
CA ALA A 136 -13.05 11.86 35.45
C ALA A 136 -13.91 11.18 34.36
N MET A 137 -14.35 9.94 34.59
CA MET A 137 -15.18 9.21 33.60
C MET A 137 -16.53 9.88 33.47
N THR A 138 -17.11 9.78 32.28
CA THR A 138 -18.38 10.44 31.94
C THR A 138 -19.24 9.49 31.10
N PHE A 139 -20.55 9.64 31.28
CA PHE A 139 -21.54 8.65 30.83
C PHE A 139 -22.62 9.29 29.89
N THR A 140 -23.09 8.59 28.83
CA THR A 140 -24.01 9.22 27.84
C THR A 140 -24.93 8.24 27.08
N SER B 11 -9.13 -24.41 7.27
CA SER B 11 -9.35 -25.74 6.53
C SER B 11 -8.08 -26.59 6.44
N PRO B 12 -8.20 -27.92 6.36
CA PRO B 12 -6.98 -28.75 6.41
C PRO B 12 -5.91 -28.51 5.32
N VAL B 13 -6.37 -28.09 4.15
CA VAL B 13 -5.43 -27.85 3.03
C VAL B 13 -4.77 -26.49 3.16
N VAL B 14 -5.47 -25.54 3.78
CA VAL B 14 -4.89 -24.23 4.13
C VAL B 14 -3.84 -24.35 5.24
N ALA B 15 -4.14 -25.13 6.25
CA ALA B 15 -3.19 -25.40 7.35
C ALA B 15 -1.92 -26.01 6.81
N ALA B 16 -2.07 -27.13 6.12
CA ALA B 16 -0.96 -27.91 5.63
C ALA B 16 -0.08 -27.10 4.65
N SER B 17 -0.68 -26.31 3.78
CA SER B 17 0.11 -25.50 2.84
C SER B 17 0.81 -24.31 3.51
N GLN B 18 0.17 -23.64 4.45
CA GLN B 18 0.88 -22.57 5.20
C GLN B 18 2.02 -23.10 6.14
N ASN B 19 1.84 -24.30 6.71
CA ASN B 19 2.90 -24.98 7.46
C ASN B 19 4.01 -25.40 6.54
N SER B 20 3.66 -25.90 5.36
CA SER B 20 4.66 -26.23 4.31
C SER B 20 5.57 -25.04 4.06
N TRP B 21 4.96 -23.86 3.92
CA TRP B 21 5.72 -22.66 3.53
C TRP B 21 6.58 -22.14 4.67
N ARG B 22 6.06 -22.20 5.91
CA ARG B 22 6.81 -21.78 7.08
C ARG B 22 8.04 -22.69 7.22
N CYS B 23 7.81 -24.00 7.34
CA CYS B 23 8.91 -24.96 7.46
C CYS B 23 10.00 -24.84 6.36
N VAL B 24 9.62 -24.66 5.11
CA VAL B 24 10.62 -24.58 4.02
C VAL B 24 11.38 -23.22 4.01
N GLN B 25 10.73 -22.16 4.48
CA GLN B 25 11.39 -20.85 4.68
C GLN B 25 12.38 -20.88 5.86
N SER B 26 12.06 -21.70 6.87
CA SER B 26 12.80 -21.82 8.14
C SER B 26 13.97 -22.77 8.13
N GLY B 27 14.07 -23.64 7.13
CA GLY B 27 15.05 -24.75 7.15
C GLY B 27 14.61 -25.97 7.94
N ASP B 28 13.35 -26.01 8.39
CA ASP B 28 12.81 -27.08 9.26
C ASP B 28 12.49 -28.38 8.48
N ARG B 29 13.55 -29.13 8.17
CA ARG B 29 13.47 -30.35 7.38
C ARG B 29 12.51 -31.44 7.90
N GLU B 30 12.51 -31.69 9.21
CA GLU B 30 11.71 -32.79 9.77
C GLU B 30 10.27 -32.37 9.86
N GLY B 31 10.04 -31.14 10.32
CA GLY B 31 8.71 -30.54 10.35
C GLY B 31 8.02 -30.40 8.98
N TRP B 32 8.81 -30.28 7.90
CA TRP B 32 8.33 -30.26 6.51
C TRP B 32 7.98 -31.66 6.03
N LEU B 33 8.88 -32.60 6.28
CA LEU B 33 8.65 -33.98 5.90
C LEU B 33 7.50 -34.60 6.68
N ALA B 34 7.18 -34.08 7.87
CA ALA B 34 6.03 -34.54 8.71
C ALA B 34 4.65 -34.09 8.23
N LEU B 35 4.62 -33.14 7.30
CA LEU B 35 3.40 -32.64 6.70
C LEU B 35 2.97 -33.51 5.51
N MET B 36 3.93 -34.24 4.96
CA MET B 36 3.73 -35.00 3.73
C MET B 36 3.26 -36.44 4.02
N ALA B 37 2.21 -36.87 3.33
CA ALA B 37 1.70 -38.22 3.47
C ALA B 37 2.61 -39.26 2.82
N ASP B 38 2.40 -40.54 3.17
CA ASP B 38 3.22 -41.64 2.64
C ASP B 38 3.12 -41.80 1.12
N ASP B 39 1.93 -41.55 0.57
CA ASP B 39 1.69 -41.50 -0.91
C ASP B 39 2.14 -40.20 -1.66
N ILE B 40 2.62 -39.18 -0.92
CA ILE B 40 3.09 -37.88 -1.46
C ILE B 40 3.72 -37.87 -2.86
N VAL B 41 3.24 -36.96 -3.70
CA VAL B 41 3.78 -36.72 -5.02
C VAL B 41 4.06 -35.21 -5.15
N VAL B 42 5.31 -34.85 -5.41
CA VAL B 42 5.66 -33.47 -5.65
C VAL B 42 6.15 -33.24 -7.07
N GLU B 43 5.48 -32.32 -7.75
CA GLU B 43 5.74 -31.95 -9.12
C GLU B 43 5.99 -30.43 -9.15
N ASP B 44 7.25 -30.07 -8.95
CA ASP B 44 7.67 -28.69 -8.86
C ASP B 44 8.81 -28.51 -9.83
N PRO B 45 8.58 -28.24 -11.12
CA PRO B 45 7.24 -28.09 -11.73
C PRO B 45 6.67 -29.37 -12.28
N ILE B 46 5.44 -29.26 -12.76
CA ILE B 46 4.83 -30.33 -13.48
C ILE B 46 5.57 -30.42 -14.80
N GLY B 47 5.98 -31.64 -15.13
CA GLY B 47 6.69 -31.95 -16.38
C GLY B 47 8.19 -32.00 -16.15
N GLU B 48 8.93 -32.24 -17.24
CA GLU B 48 10.36 -32.53 -17.23
C GLU B 48 11.19 -31.25 -16.96
N ALA B 49 11.91 -31.23 -15.83
CA ALA B 49 12.90 -30.20 -15.53
C ALA B 49 14.02 -30.71 -14.56
N VAL B 50 15.04 -29.86 -14.31
CA VAL B 50 16.10 -30.16 -13.27
C VAL B 50 15.50 -30.70 -11.94
N THR B 51 14.46 -30.05 -11.48
CA THR B 51 13.75 -30.37 -10.23
C THR B 51 12.71 -31.54 -10.29
N ASN B 52 12.38 -32.04 -11.48
CA ASN B 52 11.40 -33.17 -11.72
C ASN B 52 11.97 -33.87 -12.97
N PRO B 53 13.06 -34.66 -12.80
CA PRO B 53 13.90 -35.00 -13.97
C PRO B 53 13.31 -36.06 -14.92
N ASP B 54 12.63 -37.06 -14.35
CA ASP B 54 11.82 -38.02 -15.12
C ASP B 54 10.39 -37.55 -15.46
N GLY B 55 10.04 -36.35 -14.96
CA GLY B 55 8.86 -35.65 -15.41
C GLY B 55 7.56 -36.22 -14.92
N THR B 56 7.59 -37.13 -13.97
CA THR B 56 6.43 -37.86 -13.52
C THR B 56 6.22 -37.53 -12.02
N GLY B 57 7.02 -36.60 -11.51
CA GLY B 57 7.01 -36.21 -10.10
C GLY B 57 8.05 -36.93 -9.27
N VAL B 58 8.28 -36.36 -8.08
CA VAL B 58 9.09 -36.95 -7.04
C VAL B 58 8.14 -37.58 -6.04
N ARG B 59 8.26 -38.90 -5.83
CA ARG B 59 7.25 -39.76 -5.14
C ARG B 59 7.77 -40.47 -3.86
N GLY B 60 6.97 -40.37 -2.81
CA GLY B 60 7.28 -40.93 -1.49
C GLY B 60 8.36 -40.17 -0.70
N LYS B 61 8.25 -40.23 0.63
CA LYS B 61 9.15 -39.55 1.54
C LYS B 61 10.64 -39.87 1.37
N ALA B 62 10.94 -41.11 1.00
CA ALA B 62 12.34 -41.48 0.76
C ALA B 62 12.91 -40.59 -0.35
N ALA B 63 12.31 -40.68 -1.54
CA ALA B 63 12.72 -39.80 -2.67
C ALA B 63 12.52 -38.27 -2.39
N LEU B 64 11.53 -37.91 -1.57
CA LEU B 64 11.27 -36.51 -1.21
C LEU B 64 12.37 -35.93 -0.32
N ALA B 65 12.78 -36.71 0.68
CA ALA B 65 13.90 -36.36 1.58
C ALA B 65 15.18 -35.99 0.79
N ALA B 66 15.49 -36.81 -0.22
CA ALA B 66 16.60 -36.58 -1.15
C ALA B 66 16.37 -35.36 -2.06
N PHE B 67 15.12 -35.10 -2.44
CA PHE B 67 14.76 -33.86 -3.16
C PHE B 67 15.02 -32.59 -2.32
N TYR B 68 14.69 -32.67 -1.02
CA TYR B 68 14.92 -31.57 -0.08
C TYR B 68 16.38 -31.28 0.05
N ASP B 69 17.18 -32.33 0.27
CA ASP B 69 18.62 -32.16 0.48
C ASP B 69 19.33 -31.64 -0.76
N THR B 70 18.91 -32.08 -1.95
CA THR B 70 19.56 -31.64 -3.20
C THR B 70 19.12 -30.25 -3.62
N ASN B 71 17.83 -29.95 -3.51
CA ASN B 71 17.28 -28.72 -4.08
C ASN B 71 16.88 -27.64 -3.08
N ILE B 72 16.70 -27.97 -1.80
CA ILE B 72 16.15 -27.02 -0.82
C ILE B 72 17.10 -26.70 0.34
N GLY B 73 17.62 -27.74 0.99
CA GLY B 73 18.52 -27.66 2.19
C GLY B 73 19.70 -26.67 2.15
N PRO B 74 20.52 -26.74 1.09
CA PRO B 74 21.59 -25.78 0.79
C PRO B 74 21.19 -24.30 0.74
N ASN B 75 19.98 -24.04 0.26
CA ASN B 75 19.58 -22.71 -0.15
C ASN B 75 18.64 -22.07 0.86
N ARG B 76 18.35 -20.79 0.62
CA ARG B 76 17.29 -20.05 1.29
C ARG B 76 16.19 -19.98 0.23
N LEU B 77 14.96 -20.24 0.66
CA LEU B 77 13.79 -20.21 -0.18
C LEU B 77 12.73 -19.27 0.46
N ARG B 78 12.37 -18.18 -0.24
CA ARG B 78 11.32 -17.24 0.18
C ARG B 78 9.98 -17.49 -0.63
N VAL B 79 8.86 -17.59 0.07
CA VAL B 79 7.53 -17.81 -0.52
C VAL B 79 6.65 -16.60 -0.23
N THR B 80 6.30 -15.86 -1.28
CA THR B 80 5.29 -14.80 -1.25
C THR B 80 3.99 -15.36 -1.87
N CYS B 81 2.88 -15.32 -1.13
CA CYS B 81 1.58 -15.75 -1.62
C CYS B 81 0.80 -14.56 -2.16
N GLU B 82 0.68 -14.44 -3.48
CA GLU B 82 0.00 -13.31 -4.13
C GLU B 82 -1.52 -13.42 -4.22
N ALA B 83 -2.08 -14.65 -4.29
CA ALA B 83 -3.52 -14.87 -4.49
C ALA B 83 -3.90 -16.28 -4.12
N THR B 84 -5.10 -16.41 -3.57
CA THR B 84 -5.60 -17.63 -2.98
C THR B 84 -6.93 -17.96 -3.64
N PHE B 85 -7.04 -19.22 -4.08
CA PHE B 85 -8.24 -19.73 -4.79
C PHE B 85 -8.73 -20.99 -4.08
N PRO B 86 -9.53 -20.82 -3.02
CA PRO B 86 -10.17 -22.00 -2.41
C PRO B 86 -11.13 -22.65 -3.39
N SER B 87 -11.22 -23.98 -3.29
CA SER B 87 -12.21 -24.77 -4.07
C SER B 87 -13.44 -25.01 -3.22
N SER B 88 -14.40 -25.82 -3.66
CA SER B 88 -15.52 -26.17 -2.76
C SER B 88 -15.18 -27.48 -2.01
N SER B 89 -13.90 -27.79 -1.93
CA SER B 89 -13.42 -28.87 -1.09
C SER B 89 -12.43 -28.35 -0.07
N PRO B 90 -12.65 -28.68 1.22
CA PRO B 90 -11.66 -28.38 2.27
C PRO B 90 -10.28 -29.05 2.10
N THR B 91 -10.16 -30.02 1.19
CA THR B 91 -8.89 -30.71 1.02
C THR B 91 -8.05 -30.20 -0.14
N GLU B 92 -8.59 -29.33 -1.03
CA GLU B 92 -7.85 -28.90 -2.24
C GLU B 92 -7.90 -27.41 -2.44
N ILE B 93 -6.77 -26.82 -2.80
CA ILE B 93 -6.68 -25.37 -2.96
C ILE B 93 -5.65 -25.00 -4.01
N ALA B 94 -5.81 -23.85 -4.64
CA ALA B 94 -4.72 -23.33 -5.49
C ALA B 94 -4.35 -21.90 -5.11
N TYR B 95 -3.11 -21.56 -5.42
CA TYR B 95 -2.53 -20.27 -5.01
C TYR B 95 -1.70 -19.80 -6.18
N ILE B 96 -1.54 -18.48 -6.32
CA ILE B 96 -0.49 -17.95 -7.19
C ILE B 96 0.63 -17.59 -6.22
N LEU B 97 1.79 -18.20 -6.42
CA LEU B 97 2.92 -18.03 -5.56
C LEU B 97 4.16 -17.55 -6.38
N VAL B 98 5.01 -16.76 -5.73
CA VAL B 98 6.32 -16.39 -6.20
C VAL B 98 7.31 -17.15 -5.26
N LEU B 99 8.10 -18.04 -5.86
CA LEU B 99 9.19 -18.76 -5.18
C LEU B 99 10.52 -18.09 -5.60
N GLU B 100 11.23 -17.56 -4.60
CA GLU B 100 12.55 -16.93 -4.76
C GLU B 100 13.54 -17.89 -4.07
N THR B 101 14.45 -18.47 -4.82
CA THR B 101 15.44 -19.36 -4.22
C THR B 101 16.87 -18.74 -4.35
N THR B 102 17.47 -18.46 -3.19
CA THR B 102 18.77 -17.81 -3.08
C THR B 102 19.82 -18.89 -2.74
N PHE B 103 20.70 -19.16 -3.71
CA PHE B 103 21.80 -20.14 -3.56
C PHE B 103 22.95 -19.61 -2.64
N PRO B 104 23.94 -20.48 -2.27
CA PRO B 104 25.13 -19.96 -1.55
C PRO B 104 25.97 -18.99 -2.42
N ASN B 105 26.23 -19.42 -3.65
CA ASN B 105 26.63 -18.54 -4.79
C ASN B 105 26.15 -17.05 -4.68
N GLY B 106 24.90 -16.78 -4.25
CA GLY B 106 24.34 -15.39 -4.20
C GLY B 106 23.43 -15.04 -5.40
N PHE B 107 23.65 -15.75 -6.51
CA PHE B 107 22.65 -16.12 -7.56
C PHE B 107 21.21 -16.31 -6.98
N VAL B 108 20.25 -15.47 -7.39
CA VAL B 108 18.83 -15.53 -6.98
C VAL B 108 17.95 -15.92 -8.18
N ALA B 109 17.24 -17.06 -8.06
CA ALA B 109 16.24 -17.49 -9.09
C ALA B 109 14.81 -17.29 -8.54
N THR B 110 13.99 -16.62 -9.35
CA THR B 110 12.68 -16.17 -8.89
C THR B 110 11.64 -16.70 -9.88
N VAL B 111 10.66 -17.42 -9.36
CA VAL B 111 9.56 -17.82 -10.24
C VAL B 111 8.13 -17.74 -9.65
N ARG B 112 7.24 -17.40 -10.57
CA ARG B 112 5.84 -17.18 -10.34
C ARG B 112 5.02 -18.24 -11.08
N GLY B 113 4.07 -18.83 -10.37
CA GLY B 113 3.20 -19.84 -10.94
C GLY B 113 1.98 -20.20 -10.11
N VAL B 114 1.16 -21.07 -10.68
CA VAL B 114 0.02 -21.57 -9.96
C VAL B 114 0.51 -22.83 -9.21
N PHE B 115 0.17 -22.96 -7.95
CA PHE B 115 0.58 -24.08 -7.13
C PHE B 115 -0.66 -24.67 -6.49
N THR B 116 -0.87 -25.96 -6.72
CA THR B 116 -2.02 -26.64 -6.14
C THR B 116 -1.59 -27.67 -5.10
N TYR B 117 -2.44 -27.89 -4.09
CA TYR B 117 -2.15 -28.71 -2.91
C TYR B 117 -3.37 -29.57 -2.66
N ARG B 118 -3.16 -30.79 -2.19
CA ARG B 118 -4.23 -31.70 -1.82
C ARG B 118 -3.83 -32.42 -0.53
N VAL B 119 -4.75 -32.52 0.43
CA VAL B 119 -4.50 -33.34 1.62
C VAL B 119 -5.42 -34.53 1.61
N ASP B 120 -5.01 -35.55 2.38
CA ASP B 120 -5.86 -36.70 2.61
C ASP B 120 -6.82 -36.41 3.76
N ASP B 121 -7.59 -37.42 4.14
CA ASP B 121 -8.48 -37.37 5.31
C ASP B 121 -7.78 -36.99 6.67
N ALA B 122 -6.47 -37.21 6.83
CA ALA B 122 -5.71 -36.82 8.04
C ALA B 122 -4.96 -35.45 8.03
N GLY B 123 -5.12 -34.64 6.98
CA GLY B 123 -4.44 -33.33 6.90
C GLY B 123 -3.02 -33.37 6.29
N LEU B 124 -2.53 -34.56 5.94
CA LEU B 124 -1.20 -34.71 5.36
C LEU B 124 -1.22 -34.45 3.85
N ILE B 125 -0.21 -33.76 3.31
CA ILE B 125 -0.21 -33.36 1.91
C ILE B 125 0.04 -34.60 1.05
N THR B 126 -0.80 -34.81 0.03
CA THR B 126 -0.60 -35.88 -0.95
C THR B 126 -0.12 -35.39 -2.28
N ASN B 127 -0.37 -34.13 -2.60
CA ASN B 127 0.03 -33.58 -3.92
C ASN B 127 0.39 -32.12 -3.74
N LEU B 128 1.52 -31.73 -4.28
CA LEU B 128 1.94 -30.37 -4.34
C LEU B 128 2.37 -30.22 -5.79
N ARG B 129 1.68 -29.36 -6.53
CA ARG B 129 1.83 -29.29 -8.00
C ARG B 129 2.10 -27.86 -8.42
N GLY B 130 3.09 -27.67 -9.27
CA GLY B 130 3.50 -26.34 -9.74
C GLY B 130 3.43 -26.13 -11.21
N TYR B 131 2.63 -25.15 -11.64
CA TYR B 131 2.45 -24.83 -13.05
C TYR B 131 3.35 -23.64 -13.41
N TRP B 132 4.58 -23.97 -13.80
CA TRP B 132 5.54 -22.99 -14.33
C TRP B 132 6.62 -23.66 -15.18
N ASN B 133 7.38 -22.89 -15.95
CA ASN B 133 8.51 -23.44 -16.67
C ASN B 133 9.65 -22.42 -16.76
N MET B 134 10.84 -22.89 -17.14
CA MET B 134 12.10 -22.08 -17.12
C MET B 134 11.90 -20.71 -17.78
N ASP B 135 11.13 -20.71 -18.86
CA ASP B 135 10.73 -19.53 -19.59
C ASP B 135 10.08 -18.41 -18.72
N ALA B 136 9.41 -18.73 -17.61
CA ALA B 136 8.85 -17.67 -16.71
C ALA B 136 9.82 -17.15 -15.60
N MET B 137 10.90 -17.88 -15.30
CA MET B 137 11.92 -17.46 -14.32
C MET B 137 12.61 -16.11 -14.60
N THR B 138 12.98 -15.41 -13.51
CA THR B 138 13.91 -14.27 -13.57
C THR B 138 15.10 -14.51 -12.62
N PHE B 139 16.20 -13.76 -12.77
CA PHE B 139 17.51 -14.06 -12.14
C PHE B 139 18.22 -12.86 -11.48
N VAL C 10 -13.23 16.21 23.00
CA VAL C 10 -12.78 15.73 21.65
C VAL C 10 -13.35 16.57 20.52
N SER C 11 -12.54 17.44 19.93
CA SER C 11 -13.00 18.26 18.79
C SER C 11 -13.63 17.41 17.65
N PRO C 12 -14.59 17.97 16.89
CA PRO C 12 -15.12 17.17 15.80
C PRO C 12 -14.10 16.83 14.72
N VAL C 13 -13.06 17.68 14.54
CA VAL C 13 -12.03 17.36 13.55
C VAL C 13 -11.18 16.17 14.02
N VAL C 14 -10.91 16.12 15.30
CA VAL C 14 -10.24 14.98 15.88
C VAL C 14 -11.06 13.69 15.69
N ALA C 15 -12.36 13.72 16.00
CA ALA C 15 -13.15 12.49 15.93
C ALA C 15 -13.23 12.03 14.50
N ALA C 16 -13.47 12.96 13.58
CA ALA C 16 -13.59 12.64 12.18
C ALA C 16 -12.25 12.13 11.59
N SER C 17 -11.15 12.87 11.82
CA SER C 17 -9.85 12.48 11.32
C SER C 17 -9.44 11.09 11.85
N GLN C 18 -9.70 10.78 13.11
CA GLN C 18 -9.24 9.47 13.66
C GLN C 18 -10.19 8.35 13.34
N ASN C 19 -11.45 8.67 13.06
CA ASN C 19 -12.38 7.71 12.49
C ASN C 19 -11.99 7.38 11.04
N SER C 20 -11.44 8.36 10.31
CA SER C 20 -10.88 8.10 8.98
C SER C 20 -9.85 6.99 9.08
N TRP C 21 -8.92 7.17 10.01
CA TRP C 21 -7.81 6.26 10.21
C TRP C 21 -8.29 4.87 10.59
N ARG C 22 -9.27 4.78 11.49
CA ARG C 22 -9.78 3.45 11.85
C ARG C 22 -10.44 2.78 10.62
N CYS C 23 -11.22 3.53 9.84
CA CYS C 23 -11.96 2.92 8.70
C CYS C 23 -11.01 2.52 7.57
N VAL C 24 -10.01 3.33 7.31
CA VAL C 24 -9.09 3.06 6.22
C VAL C 24 -8.28 1.81 6.60
N GLN C 25 -7.92 1.68 7.88
CA GLN C 25 -7.08 0.56 8.36
C GLN C 25 -7.84 -0.75 8.52
N SER C 26 -9.16 -0.71 8.68
CA SER C 26 -9.95 -1.93 8.92
C SER C 26 -10.88 -2.28 7.74
N GLY C 27 -10.66 -1.71 6.56
CA GLY C 27 -11.37 -2.13 5.36
C GLY C 27 -12.86 -1.78 5.33
N ASP C 28 -13.26 -0.81 6.14
CA ASP C 28 -14.64 -0.39 6.28
C ASP C 28 -14.93 0.75 5.29
N ARG C 29 -15.28 0.35 4.07
CA ARG C 29 -15.53 1.24 2.96
C ARG C 29 -16.65 2.22 3.21
N GLU C 30 -17.76 1.71 3.72
CA GLU C 30 -18.97 2.52 3.80
C GLU C 30 -18.96 3.33 5.07
N GLY C 31 -18.22 2.87 6.07
CA GLY C 31 -17.88 3.67 7.24
C GLY C 31 -16.99 4.86 6.86
N TRP C 32 -16.02 4.65 5.96
CA TRP C 32 -15.08 5.69 5.52
C TRP C 32 -15.80 6.72 4.65
N LEU C 33 -16.67 6.24 3.76
CA LEU C 33 -17.44 7.15 2.91
C LEU C 33 -18.39 8.02 3.68
N ALA C 34 -18.94 7.53 4.78
CA ALA C 34 -19.95 8.27 5.56
C ALA C 34 -19.38 9.44 6.37
N LEU C 35 -18.05 9.45 6.54
CA LEU C 35 -17.33 10.56 7.20
C LEU C 35 -17.18 11.81 6.36
N MET C 36 -17.42 11.67 5.05
CA MET C 36 -16.98 12.63 4.04
C MET C 36 -18.13 13.49 3.59
N ALA C 37 -17.95 14.80 3.51
CA ALA C 37 -19.03 15.66 3.03
C ALA C 37 -19.20 15.45 1.50
N ASP C 38 -20.29 15.92 0.93
CA ASP C 38 -20.52 15.75 -0.52
C ASP C 38 -19.52 16.46 -1.39
N ASP C 39 -19.01 17.57 -0.87
CA ASP C 39 -17.97 18.39 -1.51
C ASP C 39 -16.51 18.03 -1.05
N ILE C 40 -16.30 16.84 -0.46
CA ILE C 40 -14.95 16.32 -0.13
C ILE C 40 -13.98 16.51 -1.29
N VAL C 41 -12.79 16.99 -0.99
CA VAL C 41 -11.66 17.05 -1.89
C VAL C 41 -10.53 16.37 -1.11
N VAL C 42 -10.01 15.28 -1.68
CA VAL C 42 -8.87 14.56 -1.15
C VAL C 42 -7.64 14.73 -2.02
N GLU C 43 -6.65 15.35 -1.41
CA GLU C 43 -5.40 15.67 -2.07
C GLU C 43 -4.32 14.90 -1.32
N ASP C 44 -4.16 13.64 -1.72
CA ASP C 44 -3.20 12.74 -1.09
C ASP C 44 -2.26 12.17 -2.17
N PRO C 45 -1.24 12.90 -2.57
CA PRO C 45 -0.80 14.15 -1.97
C PRO C 45 -1.32 15.38 -2.69
N ILE C 46 -0.91 16.55 -2.21
CA ILE C 46 -1.18 17.78 -2.93
C ILE C 46 -0.23 17.82 -4.11
N GLY C 47 -0.80 18.09 -5.29
CA GLY C 47 -0.07 18.08 -6.59
C GLY C 47 -0.18 16.73 -7.31
N GLU C 48 0.44 16.65 -8.50
CA GLU C 48 0.38 15.47 -9.39
C GLU C 48 1.12 14.28 -8.77
N ALA C 49 0.39 13.18 -8.62
CA ALA C 49 0.96 11.89 -8.30
C ALA C 49 -0.02 10.80 -8.74
N VAL C 50 0.30 9.52 -8.60
CA VAL C 50 -0.63 8.47 -9.04
C VAL C 50 -1.99 8.48 -8.30
N THR C 51 -1.95 8.74 -7.00
CA THR C 51 -3.14 8.91 -6.18
C THR C 51 -3.82 10.31 -6.31
N ASN C 52 -3.27 11.23 -7.12
CA ASN C 52 -3.89 12.57 -7.45
C ASN C 52 -3.60 12.92 -8.93
N PRO C 53 -4.28 12.21 -9.87
CA PRO C 53 -3.78 12.13 -11.26
C PRO C 53 -3.74 13.47 -12.01
N ASP C 54 -4.71 14.31 -11.76
CA ASP C 54 -4.82 15.67 -12.35
C ASP C 54 -4.25 16.82 -11.46
N GLY C 55 -3.59 16.51 -10.35
CA GLY C 55 -3.04 17.52 -9.41
C GLY C 55 -4.03 18.43 -8.67
N THR C 56 -5.29 18.09 -8.71
CA THR C 56 -6.39 18.98 -8.31
C THR C 56 -7.14 18.36 -7.13
N GLY C 57 -6.82 17.10 -6.79
CA GLY C 57 -7.47 16.32 -5.75
C GLY C 57 -8.62 15.47 -6.26
N VAL C 58 -8.97 14.44 -5.49
CA VAL C 58 -10.10 13.57 -5.79
C VAL C 58 -11.34 14.27 -5.26
N ARG C 59 -12.29 14.57 -6.14
CA ARG C 59 -13.42 15.46 -5.80
C ARG C 59 -14.75 14.74 -5.87
N GLY C 60 -15.41 14.64 -4.73
CA GLY C 60 -16.79 14.14 -4.63
C GLY C 60 -16.85 12.71 -4.14
N LYS C 61 -18.04 12.30 -3.74
CA LYS C 61 -18.24 10.99 -3.14
C LYS C 61 -18.19 9.87 -4.16
N ALA C 62 -18.68 10.11 -5.37
CA ALA C 62 -18.47 9.15 -6.47
C ALA C 62 -16.97 8.85 -6.75
N ALA C 63 -16.15 9.91 -6.90
CA ALA C 63 -14.72 9.77 -7.26
C ALA C 63 -13.89 9.20 -6.10
N LEU C 64 -14.23 9.57 -4.87
CA LEU C 64 -13.55 9.01 -3.71
C LEU C 64 -13.76 7.51 -3.48
N ALA C 65 -14.89 6.98 -3.97
CA ALA C 65 -15.19 5.55 -3.87
C ALA C 65 -14.31 4.72 -4.80
N ALA C 66 -14.14 5.19 -6.04
CA ALA C 66 -13.19 4.58 -7.00
C ALA C 66 -11.78 4.59 -6.45
N PHE C 67 -11.44 5.67 -5.73
CA PHE C 67 -10.12 5.82 -5.09
C PHE C 67 -9.94 4.78 -4.00
N TYR C 68 -10.99 4.61 -3.20
CA TYR C 68 -11.00 3.55 -2.18
C TYR C 68 -10.85 2.13 -2.84
N ASP C 69 -11.57 1.85 -3.95
CA ASP C 69 -11.56 0.51 -4.60
C ASP C 69 -10.28 0.27 -5.38
N THR C 70 -9.67 1.36 -5.86
CA THR C 70 -8.36 1.31 -6.46
C THR C 70 -7.19 1.23 -5.45
N ASN C 71 -7.20 1.96 -4.36
CA ASN C 71 -5.97 2.16 -3.59
C ASN C 71 -5.95 1.61 -2.22
N ILE C 72 -7.13 1.40 -1.63
CA ILE C 72 -7.26 1.14 -0.19
C ILE C 72 -7.83 -0.24 0.03
N GLY C 73 -9.02 -0.46 -0.54
CA GLY C 73 -9.75 -1.72 -0.44
C GLY C 73 -8.95 -3.00 -0.67
N PRO C 74 -8.24 -3.09 -1.82
CA PRO C 74 -7.33 -4.20 -2.19
C PRO C 74 -6.11 -4.39 -1.36
N ASN C 75 -5.75 -3.38 -0.58
CA ASN C 75 -4.43 -3.32 0.07
C ASN C 75 -4.62 -3.32 1.60
N ARG C 76 -3.52 -3.23 2.36
CA ARG C 76 -3.59 -3.12 3.82
C ARG C 76 -2.88 -1.81 4.23
N LEU C 77 -3.65 -0.84 4.73
CA LEU C 77 -3.09 0.45 5.13
C LEU C 77 -2.81 0.53 6.56
N ARG C 78 -1.66 1.12 6.91
CA ARG C 78 -1.43 1.49 8.29
C ARG C 78 -1.12 2.98 8.40
N VAL C 79 -1.70 3.60 9.43
CA VAL C 79 -1.59 5.02 9.70
C VAL C 79 -1.02 5.14 11.14
N THR C 80 0.12 5.82 11.27
CA THR C 80 0.82 5.99 12.53
C THR C 80 0.85 7.50 12.75
N CYS C 81 0.39 7.93 13.92
CA CYS C 81 0.35 9.33 14.28
C CYS C 81 1.59 9.65 15.06
N GLU C 82 2.45 10.48 14.52
CA GLU C 82 3.69 10.79 15.23
C GLU C 82 3.53 12.00 16.07
N ALA C 83 2.80 12.99 15.57
CA ALA C 83 2.41 14.15 16.39
C ALA C 83 1.15 14.85 15.89
N THR C 84 0.48 15.54 16.82
CA THR C 84 -0.75 16.28 16.51
C THR C 84 -0.52 17.78 16.65
N PHE C 85 -1.08 18.56 15.76
CA PHE C 85 -1.03 20.00 15.88
C PHE C 85 -2.48 20.55 15.76
N PRO C 86 -3.21 20.58 16.88
CA PRO C 86 -4.55 21.18 16.88
C PRO C 86 -4.47 22.68 16.59
N SER C 87 -5.36 23.20 15.77
CA SER C 87 -5.40 24.66 15.50
C SER C 87 -6.13 25.38 16.66
N SER C 88 -6.49 26.67 16.50
CA SER C 88 -7.38 27.34 17.45
C SER C 88 -8.85 27.22 17.03
N SER C 89 -9.10 26.47 15.95
CA SER C 89 -10.43 26.05 15.50
C SER C 89 -10.67 24.55 15.75
N PRO C 90 -11.88 24.18 16.22
CA PRO C 90 -12.18 22.77 16.43
C PRO C 90 -12.53 22.03 15.12
N THR C 91 -12.56 22.73 14.01
CA THR C 91 -12.81 22.12 12.70
C THR C 91 -11.57 21.84 11.84
N GLU C 92 -10.37 22.05 12.37
CA GLU C 92 -9.09 21.96 11.58
C GLU C 92 -7.88 21.55 12.40
N ILE C 93 -7.15 20.55 11.88
CA ILE C 93 -5.99 20.00 12.59
C ILE C 93 -4.97 19.57 11.55
N ALA C 94 -3.71 19.56 11.94
CA ALA C 94 -2.61 19.04 11.15
C ALA C 94 -1.98 17.95 12.01
N TYR C 95 -1.38 16.95 11.34
CA TYR C 95 -0.67 15.90 12.01
C TYR C 95 0.59 15.60 11.22
N ILE C 96 1.61 15.05 11.88
CA ILE C 96 2.65 14.26 11.19
C ILE C 96 2.18 12.81 11.22
N LEU C 97 1.94 12.24 10.03
CA LEU C 97 1.63 10.79 9.85
C LEU C 97 2.65 10.04 8.99
N VAL C 98 2.81 8.77 9.34
CA VAL C 98 3.46 7.78 8.52
C VAL C 98 2.40 6.80 8.02
N LEU C 99 2.17 6.86 6.72
CA LEU C 99 1.31 5.96 5.97
C LEU C 99 2.09 4.82 5.29
N GLU C 100 1.62 3.60 5.49
CA GLU C 100 2.28 2.37 5.02
C GLU C 100 1.23 1.49 4.27
N THR C 101 1.42 1.36 2.97
CA THR C 101 0.56 0.55 2.14
C THR C 101 1.31 -0.73 1.75
N THR C 102 0.74 -1.87 2.11
CA THR C 102 1.29 -3.15 1.79
C THR C 102 0.41 -3.75 0.73
N PHE C 103 1.00 -4.13 -0.41
CA PHE C 103 0.23 -4.62 -1.56
C PHE C 103 0.16 -6.17 -1.56
N PRO C 104 -0.79 -6.74 -2.33
CA PRO C 104 -0.88 -8.22 -2.42
C PRO C 104 0.43 -8.92 -2.85
N ASN C 105 1.15 -8.30 -3.78
CA ASN C 105 2.45 -8.81 -4.27
C ASN C 105 3.68 -8.69 -3.34
N GLY C 106 3.52 -8.31 -2.08
CA GLY C 106 4.66 -8.12 -1.14
C GLY C 106 5.32 -6.73 -1.06
N PHE C 107 4.92 -5.82 -1.94
CA PHE C 107 5.45 -4.44 -2.06
C PHE C 107 4.92 -3.57 -0.91
N VAL C 108 5.81 -2.86 -0.22
CA VAL C 108 5.43 -1.92 0.84
C VAL C 108 5.86 -0.52 0.46
N ALA C 109 4.91 0.41 0.44
CA ALA C 109 5.19 1.84 0.18
C ALA C 109 4.93 2.60 1.46
N THR C 110 5.98 3.22 2.00
CA THR C 110 5.91 3.96 3.24
C THR C 110 6.30 5.41 3.02
N VAL C 111 5.46 6.35 3.50
CA VAL C 111 5.77 7.82 3.51
C VAL C 111 5.34 8.56 4.80
N ARG C 112 6.19 9.50 5.19
CA ARG C 112 6.00 10.35 6.29
C ARG C 112 5.67 11.68 5.67
N GLY C 113 4.63 12.30 6.20
CA GLY C 113 4.31 13.67 5.85
C GLY C 113 3.38 14.36 6.84
N VAL C 114 3.10 15.62 6.51
CA VAL C 114 2.08 16.40 7.17
C VAL C 114 0.74 16.22 6.47
N PHE C 115 -0.31 16.08 7.29
CA PHE C 115 -1.69 15.83 6.85
C PHE C 115 -2.64 16.78 7.61
N THR C 116 -3.33 17.58 6.84
CA THR C 116 -4.28 18.51 7.33
C THR C 116 -5.67 18.00 7.04
N TYR C 117 -6.56 18.21 8.01
CA TYR C 117 -7.98 17.84 7.89
C TYR C 117 -8.82 19.06 8.18
N ARG C 118 -9.86 19.26 7.40
CA ARG C 118 -10.93 20.19 7.74
C ARG C 118 -12.26 19.45 7.72
N VAL C 119 -13.06 19.66 8.77
CA VAL C 119 -14.50 19.30 8.77
C VAL C 119 -15.43 20.52 8.62
N ASP C 120 -16.65 20.27 8.13
CA ASP C 120 -17.70 21.32 7.99
C ASP C 120 -18.51 21.47 9.28
N ASP C 121 -19.51 22.36 9.25
CA ASP C 121 -20.45 22.57 10.36
C ASP C 121 -21.11 21.29 10.84
N ALA C 122 -21.35 20.34 9.93
CA ALA C 122 -21.96 19.04 10.28
C ALA C 122 -21.03 17.96 10.88
N GLY C 123 -19.75 18.29 11.13
CA GLY C 123 -18.67 17.31 11.53
C GLY C 123 -18.11 16.31 10.48
N LEU C 124 -18.40 16.57 9.21
CA LEU C 124 -18.03 15.75 8.06
C LEU C 124 -16.81 16.36 7.38
N ILE C 125 -15.93 15.51 6.83
CA ILE C 125 -14.66 15.96 6.26
C ILE C 125 -14.88 16.61 4.92
N THR C 126 -14.40 17.85 4.77
CA THR C 126 -14.43 18.53 3.47
C THR C 126 -13.07 18.47 2.76
N ASN C 127 -11.99 18.29 3.54
CA ASN C 127 -10.62 18.37 3.03
C ASN C 127 -9.68 17.42 3.77
N LEU C 128 -8.94 16.61 3.03
CA LEU C 128 -7.87 15.81 3.60
C LEU C 128 -6.74 16.05 2.60
N ARG C 129 -5.62 16.56 3.11
CA ARG C 129 -4.54 17.13 2.29
C ARG C 129 -3.20 16.62 2.82
N GLY C 130 -2.34 16.14 1.93
CA GLY C 130 -1.13 15.48 2.32
C GLY C 130 0.02 16.22 1.76
N TYR C 131 0.91 16.68 2.64
CA TYR C 131 2.18 17.26 2.18
C TYR C 131 3.28 16.20 2.08
N TRP C 132 3.38 15.56 0.92
CA TRP C 132 4.51 14.68 0.67
C TRP C 132 4.79 14.56 -0.81
N ASN C 133 5.90 13.89 -1.06
CA ASN C 133 6.64 13.87 -2.31
C ASN C 133 7.11 12.44 -2.47
N MET C 134 7.23 11.96 -3.71
CA MET C 134 7.96 10.69 -4.01
C MET C 134 9.41 10.57 -3.45
N ASP C 135 10.15 11.67 -3.34
CA ASP C 135 11.48 11.67 -2.69
C ASP C 135 11.44 11.20 -1.29
N ALA C 136 10.31 11.39 -0.60
CA ALA C 136 10.18 10.99 0.81
C ALA C 136 9.63 9.56 0.93
N MET C 137 9.13 8.99 -0.16
CA MET C 137 8.64 7.59 -0.14
C MET C 137 9.77 6.55 -0.17
N THR C 138 9.57 5.44 0.52
CA THR C 138 10.44 4.30 0.60
C THR C 138 9.73 3.03 0.16
N PHE C 139 10.38 2.26 -0.71
CA PHE C 139 9.89 0.96 -1.17
C PHE C 139 10.67 -0.13 -0.43
N THR C 140 9.97 -1.09 0.17
CA THR C 140 10.54 -2.24 0.88
C THR C 140 9.64 -3.48 0.63
N GLU C 141 10.02 -4.65 1.16
CA GLU C 141 9.11 -5.79 1.06
C GLU C 141 8.60 -6.24 2.37
N ALA C 142 7.38 -6.79 2.37
CA ALA C 142 6.80 -7.45 3.54
C ALA C 142 7.67 -8.61 4.07
N SER D 11 17.30 -2.39 -39.15
CA SER D 11 16.10 -1.49 -39.30
C SER D 11 16.18 -0.27 -38.35
N PRO D 12 15.52 0.86 -38.70
CA PRO D 12 15.65 2.02 -37.77
C PRO D 12 15.12 1.70 -36.35
N VAL D 13 13.89 1.17 -36.29
CA VAL D 13 13.20 0.80 -35.02
C VAL D 13 14.00 -0.15 -34.13
N VAL D 14 14.65 -1.15 -34.72
CA VAL D 14 15.55 -2.03 -33.97
C VAL D 14 16.79 -1.28 -33.46
N ALA D 15 17.25 -0.31 -34.25
CA ALA D 15 18.49 0.41 -33.90
C ALA D 15 18.18 1.30 -32.70
N ALA D 16 17.12 2.09 -32.86
CA ALA D 16 16.62 3.04 -31.86
C ALA D 16 16.35 2.33 -30.57
N SER D 17 15.68 1.17 -30.66
CA SER D 17 15.32 0.41 -29.46
C SER D 17 16.55 -0.12 -28.74
N GLN D 18 17.51 -0.70 -29.45
CA GLN D 18 18.71 -1.24 -28.76
C GLN D 18 19.62 -0.17 -28.14
N ASN D 19 19.65 1.03 -28.71
CA ASN D 19 20.46 2.12 -28.13
C ASN D 19 19.84 2.60 -26.83
N SER D 20 18.51 2.55 -26.78
CA SER D 20 17.77 2.76 -25.54
C SER D 20 18.27 1.84 -24.42
N TRP D 21 18.46 0.54 -24.67
CA TRP D 21 18.84 -0.36 -23.57
C TRP D 21 20.26 -0.20 -23.14
N ARG D 22 21.17 0.23 -24.03
CA ARG D 22 22.58 0.50 -23.61
C ARG D 22 22.65 1.82 -22.84
N CYS D 23 21.88 2.81 -23.27
CA CYS D 23 21.83 4.12 -22.60
C CYS D 23 21.22 4.08 -21.17
N VAL D 24 19.98 3.57 -21.04
CA VAL D 24 19.34 3.47 -19.70
C VAL D 24 20.19 2.67 -18.71
N GLN D 25 20.89 1.64 -19.21
CA GLN D 25 21.71 0.76 -18.35
C GLN D 25 23.10 1.28 -17.99
N SER D 26 23.64 2.18 -18.82
CA SER D 26 24.91 2.84 -18.50
C SER D 26 24.67 4.15 -17.72
N GLY D 27 23.50 4.77 -17.90
CA GLY D 27 23.15 6.04 -17.25
C GLY D 27 23.54 7.25 -18.10
N ASP D 28 23.54 7.05 -19.42
CA ASP D 28 23.94 8.06 -20.39
C ASP D 28 22.71 8.91 -20.67
N ARG D 29 22.48 9.86 -19.78
CA ARG D 29 21.30 10.69 -19.88
C ARG D 29 21.15 11.33 -21.28
N GLU D 30 22.25 11.83 -21.86
CA GLU D 30 22.16 12.67 -23.07
C GLU D 30 21.90 11.82 -24.26
N GLY D 31 22.52 10.63 -24.24
CA GLY D 31 22.31 9.58 -25.23
C GLY D 31 20.86 9.12 -25.28
N TRP D 32 20.33 8.78 -24.11
CA TRP D 32 18.94 8.35 -24.00
C TRP D 32 18.01 9.39 -24.63
N LEU D 33 18.15 10.63 -24.18
CA LEU D 33 17.37 11.75 -24.74
C LEU D 33 17.63 12.01 -26.22
N ALA D 34 18.87 11.81 -26.67
CA ALA D 34 19.17 12.02 -28.08
C ALA D 34 18.43 11.00 -29.00
N LEU D 35 18.09 9.82 -28.47
CA LEU D 35 17.35 8.80 -29.26
C LEU D 35 15.88 9.10 -29.53
N MET D 36 15.34 10.17 -28.93
CA MET D 36 13.90 10.49 -28.86
C MET D 36 13.52 11.69 -29.71
N ALA D 37 12.29 11.68 -30.23
CA ALA D 37 11.75 12.75 -31.05
C ALA D 37 11.18 13.86 -30.16
N ASP D 38 10.76 14.95 -30.80
CA ASP D 38 10.13 16.09 -30.13
C ASP D 38 8.72 15.77 -29.66
N ASP D 39 8.01 14.94 -30.42
CA ASP D 39 6.63 14.48 -30.07
C ASP D 39 6.61 13.15 -29.27
N ILE D 40 7.74 12.73 -28.71
CA ILE D 40 7.74 11.51 -27.92
C ILE D 40 6.71 11.47 -26.79
N VAL D 41 6.02 10.33 -26.73
CA VAL D 41 5.17 9.94 -25.64
C VAL D 41 5.73 8.63 -25.08
N VAL D 42 6.17 8.68 -23.84
CA VAL D 42 6.56 7.49 -23.07
C VAL D 42 5.51 7.09 -22.02
N GLU D 43 4.96 5.88 -22.23
CA GLU D 43 3.93 5.27 -21.41
C GLU D 43 4.52 4.00 -20.86
N ASP D 44 5.27 4.13 -19.78
CA ASP D 44 5.86 3.01 -19.17
C ASP D 44 5.37 2.99 -17.70
N PRO D 45 4.18 2.41 -17.42
CA PRO D 45 3.38 1.62 -18.33
C PRO D 45 2.28 2.40 -18.93
N ILE D 46 1.49 1.73 -19.77
CA ILE D 46 0.26 2.30 -20.27
C ILE D 46 -0.70 2.33 -19.05
N GLY D 47 -1.36 3.48 -18.87
CA GLY D 47 -2.34 3.71 -17.78
C GLY D 47 -1.71 4.32 -16.53
N GLU D 48 -2.50 4.41 -15.47
CA GLU D 48 -2.11 5.04 -14.19
C GLU D 48 -1.00 4.35 -13.46
N ALA D 49 0.06 5.08 -13.17
CA ALA D 49 1.11 4.51 -12.29
C ALA D 49 2.07 5.59 -11.78
N VAL D 50 2.95 5.23 -10.85
CA VAL D 50 3.93 6.20 -10.32
C VAL D 50 4.74 6.85 -11.46
N THR D 51 5.18 5.99 -12.39
CA THR D 51 5.93 6.41 -13.59
C THR D 51 5.06 7.00 -14.73
N ASN D 52 3.74 6.98 -14.59
CA ASN D 52 2.78 7.57 -15.56
C ASN D 52 1.58 8.10 -14.71
N PRO D 53 1.85 9.16 -13.92
CA PRO D 53 0.88 9.65 -12.91
C PRO D 53 -0.46 10.14 -13.46
N ASP D 54 -0.52 10.74 -14.66
CA ASP D 54 -1.86 11.07 -15.31
C ASP D 54 -2.48 10.01 -16.24
N GLY D 55 -1.77 8.89 -16.43
CA GLY D 55 -2.19 7.86 -17.39
C GLY D 55 -2.22 8.23 -18.88
N THR D 56 -1.43 9.22 -19.28
CA THR D 56 -1.40 9.62 -20.71
C THR D 56 0.02 9.62 -21.21
N GLY D 57 0.98 9.24 -20.38
CA GLY D 57 2.37 9.28 -20.73
C GLY D 57 3.06 10.60 -20.42
N VAL D 58 4.36 10.53 -20.50
CA VAL D 58 5.22 11.63 -20.34
C VAL D 58 5.38 12.15 -21.76
N ARG D 59 4.89 13.38 -22.04
CA ARG D 59 4.86 14.00 -23.39
C ARG D 59 5.91 15.08 -23.58
N GLY D 60 6.67 14.99 -24.66
CA GLY D 60 7.68 16.00 -25.01
C GLY D 60 9.00 15.72 -24.32
N LYS D 61 10.08 16.19 -24.92
CA LYS D 61 11.44 16.02 -24.39
C LYS D 61 11.69 16.80 -23.10
N ALA D 62 10.91 17.87 -22.87
CA ALA D 62 11.06 18.69 -21.67
C ALA D 62 10.60 17.81 -20.53
N ALA D 63 9.35 17.36 -20.61
CA ALA D 63 8.78 16.43 -19.60
C ALA D 63 9.59 15.12 -19.44
N LEU D 64 10.04 14.58 -20.58
CA LEU D 64 10.85 13.36 -20.57
C LEU D 64 12.10 13.49 -19.74
N ALA D 65 12.73 14.66 -19.80
CA ALA D 65 13.99 14.89 -19.09
C ALA D 65 13.80 14.85 -17.57
N ALA D 66 12.81 15.61 -17.09
CA ALA D 66 12.38 15.59 -15.68
C ALA D 66 12.01 14.16 -15.20
N PHE D 67 11.18 13.46 -15.99
CA PHE D 67 10.90 12.03 -15.78
C PHE D 67 12.20 11.22 -15.58
N TYR D 68 13.24 11.47 -16.39
CA TYR D 68 14.51 10.72 -16.27
C TYR D 68 15.22 10.96 -14.93
N ASP D 69 15.27 12.22 -14.47
CA ASP D 69 16.02 12.54 -13.23
C ASP D 69 15.25 12.08 -12.00
N THR D 70 13.92 12.14 -12.12
CA THR D 70 13.06 11.59 -11.10
C THR D 70 13.20 10.07 -11.06
N ASN D 71 12.94 9.39 -12.18
CA ASN D 71 12.71 7.90 -12.19
C ASN D 71 13.84 6.95 -12.60
N ILE D 72 14.81 7.45 -13.38
CA ILE D 72 15.90 6.62 -13.94
C ILE D 72 17.26 6.96 -13.34
N GLY D 73 17.70 8.22 -13.40
CA GLY D 73 19.01 8.63 -12.84
C GLY D 73 19.34 8.12 -11.45
N PRO D 74 18.40 8.25 -10.49
CA PRO D 74 18.71 7.80 -9.12
C PRO D 74 18.83 6.28 -8.98
N ASN D 75 18.31 5.54 -9.96
CA ASN D 75 18.16 4.10 -9.88
C ASN D 75 19.18 3.42 -10.82
N ARG D 76 19.42 2.13 -10.61
CA ARG D 76 20.03 1.24 -11.62
C ARG D 76 18.97 0.35 -12.30
N LEU D 77 18.76 0.62 -13.58
CA LEU D 77 17.83 -0.10 -14.43
C LEU D 77 18.59 -1.18 -15.24
N ARG D 78 18.05 -2.39 -15.31
CA ARG D 78 18.64 -3.50 -16.10
C ARG D 78 17.59 -4.15 -17.04
N VAL D 79 18.01 -4.47 -18.26
CA VAL D 79 17.09 -5.00 -19.25
C VAL D 79 17.58 -6.37 -19.76
N THR D 80 16.65 -7.30 -19.91
CA THR D 80 16.88 -8.62 -20.45
C THR D 80 15.86 -8.74 -21.54
N CYS D 81 16.31 -9.05 -22.75
CA CYS D 81 15.40 -9.24 -23.90
C CYS D 81 15.09 -10.72 -23.96
N GLU D 82 13.83 -11.08 -23.79
CA GLU D 82 13.43 -12.49 -23.77
C GLU D 82 12.94 -12.96 -25.11
N ALA D 83 12.38 -12.01 -25.88
CA ALA D 83 11.79 -12.30 -27.15
C ALA D 83 11.54 -11.00 -27.92
N THR D 84 11.31 -11.15 -29.23
CA THR D 84 11.44 -10.07 -30.20
C THR D 84 10.44 -10.36 -31.28
N PHE D 85 9.63 -9.38 -31.66
CA PHE D 85 8.50 -9.59 -32.52
C PHE D 85 8.46 -8.50 -33.54
N PRO D 86 9.15 -8.70 -34.68
CA PRO D 86 9.15 -7.67 -35.69
C PRO D 86 7.82 -7.67 -36.38
N SER D 87 7.44 -6.51 -36.90
CA SER D 87 6.23 -6.34 -37.70
C SER D 87 6.60 -6.33 -39.17
N SER D 88 5.64 -6.11 -40.05
CA SER D 88 5.93 -5.96 -41.48
C SER D 88 6.14 -4.46 -41.89
N SER D 89 6.74 -3.71 -40.99
CA SER D 89 7.04 -2.28 -41.11
C SER D 89 8.33 -2.14 -40.33
N PRO D 90 9.37 -1.54 -40.93
CA PRO D 90 10.63 -1.40 -40.18
C PRO D 90 10.61 -0.27 -39.14
N THR D 91 9.51 0.49 -39.06
CA THR D 91 9.34 1.55 -38.06
C THR D 91 8.79 1.07 -36.68
N GLU D 92 8.13 -0.11 -36.60
CA GLU D 92 7.45 -0.58 -35.38
C GLU D 92 7.80 -2.01 -34.99
N ILE D 93 8.22 -2.19 -33.75
CA ILE D 93 8.53 -3.50 -33.22
C ILE D 93 7.95 -3.71 -31.80
N ALA D 94 7.74 -4.95 -31.40
CA ALA D 94 7.41 -5.30 -30.02
C ALA D 94 8.43 -6.30 -29.43
N TYR D 95 8.66 -6.22 -28.13
CA TYR D 95 9.47 -7.17 -27.40
C TYR D 95 8.81 -7.69 -26.13
N ILE D 96 9.42 -8.73 -25.56
CA ILE D 96 9.17 -9.13 -24.19
C ILE D 96 10.43 -8.86 -23.41
N LEU D 97 10.36 -7.85 -22.52
CA LEU D 97 11.53 -7.45 -21.70
C LEU D 97 11.27 -7.74 -20.27
N VAL D 98 12.34 -7.97 -19.54
CA VAL D 98 12.32 -8.06 -18.10
C VAL D 98 13.14 -6.83 -17.63
N LEU D 99 12.43 -5.86 -17.04
CA LEU D 99 13.02 -4.66 -16.45
C LEU D 99 13.20 -4.82 -14.98
N GLU D 100 14.45 -4.92 -14.55
CA GLU D 100 14.82 -4.93 -13.14
C GLU D 100 15.30 -3.54 -12.68
N THR D 101 14.77 -3.02 -11.57
CA THR D 101 15.13 -1.68 -11.07
C THR D 101 15.60 -1.78 -9.63
N THR D 102 16.81 -1.27 -9.35
CA THR D 102 17.37 -1.20 -8.01
C THR D 102 17.26 0.26 -7.53
N PHE D 103 16.62 0.46 -6.39
CA PHE D 103 16.32 1.81 -5.88
C PHE D 103 17.44 2.21 -4.91
N PRO D 104 17.55 3.53 -4.57
CA PRO D 104 18.64 3.97 -3.69
C PRO D 104 18.81 3.18 -2.39
N ASN D 105 17.72 2.72 -1.77
CA ASN D 105 17.78 1.91 -0.53
C ASN D 105 18.09 0.40 -0.71
N GLY D 106 18.23 -0.10 -1.94
CA GLY D 106 18.62 -1.51 -2.17
C GLY D 106 17.48 -2.47 -2.47
N PHE D 107 16.28 -1.94 -2.58
CA PHE D 107 15.11 -2.68 -2.98
C PHE D 107 15.11 -2.85 -4.48
N VAL D 108 14.74 -4.04 -4.95
CA VAL D 108 14.77 -4.38 -6.39
C VAL D 108 13.39 -4.84 -6.81
N ALA D 109 12.94 -4.29 -7.92
CA ALA D 109 11.62 -4.59 -8.44
C ALA D 109 11.79 -5.05 -9.87
N THR D 110 11.26 -6.24 -10.15
CA THR D 110 11.47 -6.88 -11.44
C THR D 110 10.14 -7.09 -12.07
N VAL D 111 9.95 -6.58 -13.26
CA VAL D 111 8.76 -6.94 -13.99
C VAL D 111 9.02 -7.33 -15.44
N ARG D 112 8.25 -8.31 -15.92
CA ARG D 112 8.21 -8.77 -17.29
C ARG D 112 7.03 -8.10 -17.94
N GLY D 113 7.21 -7.62 -19.17
CA GLY D 113 6.17 -6.93 -19.93
C GLY D 113 6.35 -6.97 -21.46
N VAL D 114 5.35 -6.53 -22.22
CA VAL D 114 5.45 -6.30 -23.63
C VAL D 114 5.74 -4.82 -23.80
N PHE D 115 6.80 -4.51 -24.55
CA PHE D 115 7.20 -3.13 -24.85
C PHE D 115 7.16 -2.84 -26.34
N THR D 116 6.34 -1.89 -26.78
CA THR D 116 6.27 -1.53 -28.18
C THR D 116 7.14 -0.31 -28.46
N TYR D 117 7.74 -0.27 -29.66
CA TYR D 117 8.45 0.92 -30.14
C TYR D 117 7.90 1.42 -31.47
N ARG D 118 8.08 2.70 -31.72
CA ARG D 118 7.77 3.33 -33.02
C ARG D 118 8.83 4.38 -33.28
N VAL D 119 9.09 4.64 -34.56
CA VAL D 119 9.93 5.77 -34.97
C VAL D 119 9.24 6.55 -36.10
N ASP D 120 9.72 7.80 -36.25
CA ASP D 120 9.36 8.66 -37.39
C ASP D 120 10.32 8.35 -38.57
N ASP D 121 10.14 9.06 -39.69
CA ASP D 121 11.07 8.97 -40.85
C ASP D 121 12.54 9.08 -40.43
N ALA D 122 12.87 10.08 -39.61
CA ALA D 122 14.26 10.27 -39.16
C ALA D 122 14.88 9.14 -38.27
N GLY D 123 14.05 8.20 -37.77
CA GLY D 123 14.53 7.10 -36.91
C GLY D 123 14.65 7.46 -35.43
N LEU D 124 13.95 8.51 -35.01
CA LEU D 124 13.89 8.89 -33.61
C LEU D 124 12.61 8.29 -33.01
N ILE D 125 12.69 7.92 -31.74
CA ILE D 125 11.60 7.16 -31.10
C ILE D 125 10.46 8.08 -30.86
N THR D 126 9.30 7.73 -31.39
CA THR D 126 8.08 8.51 -31.22
C THR D 126 7.18 7.96 -30.09
N ASN D 127 7.23 6.65 -29.83
CA ASN D 127 6.42 5.99 -28.81
C ASN D 127 7.23 4.87 -28.23
N LEU D 128 7.33 4.83 -26.91
CA LEU D 128 7.90 3.71 -26.13
C LEU D 128 6.76 3.38 -25.16
N ARG D 129 6.26 2.14 -25.21
CA ARG D 129 5.01 1.77 -24.54
C ARG D 129 5.18 0.44 -23.80
N GLY D 130 4.63 0.35 -22.60
CA GLY D 130 4.86 -0.80 -21.75
C GLY D 130 3.51 -1.34 -21.37
N TYR D 131 3.28 -2.61 -21.68
CA TYR D 131 2.11 -3.36 -21.21
C TYR D 131 2.53 -4.25 -20.02
N TRP D 132 2.38 -3.69 -18.83
CA TRP D 132 2.58 -4.40 -17.59
C TRP D 132 1.83 -3.71 -16.45
N ASN D 133 1.76 -4.37 -15.30
CA ASN D 133 1.15 -3.81 -14.10
C ASN D 133 1.78 -4.51 -12.95
N MET D 134 1.32 -4.22 -11.75
CA MET D 134 1.94 -4.75 -10.54
C MET D 134 1.63 -6.19 -10.24
N ASP D 135 0.56 -6.76 -10.80
CA ASP D 135 0.28 -8.19 -10.59
C ASP D 135 1.53 -8.96 -10.95
N ALA D 136 2.03 -8.65 -12.15
CA ALA D 136 3.24 -9.20 -12.76
C ALA D 136 4.56 -9.17 -11.91
N MET D 137 4.77 -8.06 -11.19
CA MET D 137 6.02 -7.66 -10.53
C MET D 137 6.49 -8.51 -9.33
N THR D 138 7.79 -8.75 -9.20
CA THR D 138 8.42 -9.40 -8.04
C THR D 138 9.58 -8.58 -7.41
N PHE D 139 10.05 -8.99 -6.25
CA PHE D 139 10.87 -8.12 -5.42
C PHE D 139 11.92 -8.82 -4.61
N THR D 140 13.03 -8.10 -4.37
CA THR D 140 14.07 -8.65 -3.47
C THR D 140 14.89 -7.59 -2.74
N SER E 11 -3.05 13.77 49.89
CA SER E 11 -2.58 12.69 48.91
C SER E 11 -1.02 12.65 48.76
N PRO E 12 -0.34 11.54 49.17
CA PRO E 12 1.14 11.62 49.31
C PRO E 12 1.96 11.97 48.02
N VAL E 13 1.51 11.50 46.87
CA VAL E 13 2.17 11.79 45.61
C VAL E 13 2.02 13.24 45.14
N VAL E 14 0.87 13.85 45.39
CA VAL E 14 0.70 15.28 45.11
C VAL E 14 1.60 16.15 45.98
N ALA E 15 1.70 15.82 47.27
CA ALA E 15 2.52 16.63 48.22
C ALA E 15 4.02 16.43 47.96
N ALA E 16 4.42 15.18 47.72
CA ALA E 16 5.77 14.89 47.23
C ALA E 16 6.10 15.70 45.97
N SER E 17 5.26 15.54 44.94
CA SER E 17 5.49 16.23 43.69
C SER E 17 5.51 17.76 43.83
N GLN E 18 4.48 18.34 44.46
CA GLN E 18 4.43 19.81 44.66
C GLN E 18 5.65 20.30 45.46
N ASN E 19 6.10 19.49 46.43
CA ASN E 19 7.30 19.78 47.21
C ASN E 19 8.55 19.69 46.34
N SER E 20 8.64 18.67 45.48
CA SER E 20 9.72 18.63 44.50
C SER E 20 9.81 19.98 43.76
N TRP E 21 8.71 20.53 43.27
CA TRP E 21 8.79 21.82 42.57
C TRP E 21 9.18 23.00 43.48
N ARG E 22 8.72 23.02 44.75
CA ARG E 22 9.09 24.10 45.69
C ARG E 22 10.60 24.23 45.73
N CYS E 23 11.22 23.10 46.08
CA CYS E 23 12.63 23.04 46.43
C CYS E 23 13.51 23.23 45.21
N VAL E 24 13.20 22.54 44.12
CA VAL E 24 14.00 22.66 42.90
C VAL E 24 14.00 24.10 42.35
N GLN E 25 12.83 24.75 42.34
CA GLN E 25 12.70 26.14 41.85
C GLN E 25 13.47 27.19 42.67
N SER E 26 13.84 26.87 43.91
CA SER E 26 14.46 27.84 44.82
C SER E 26 15.89 27.48 45.27
N GLY E 27 16.47 26.40 44.76
CA GLY E 27 17.85 26.04 45.08
C GLY E 27 18.07 25.20 46.33
N ASP E 28 16.99 24.87 47.05
CA ASP E 28 17.07 24.12 48.31
C ASP E 28 17.46 22.66 48.05
N ARG E 29 18.76 22.46 47.93
CA ARG E 29 19.32 21.14 47.67
C ARG E 29 18.94 20.07 48.71
N GLU E 30 19.08 20.40 50.00
CA GLU E 30 18.88 19.41 51.09
C GLU E 30 17.39 19.04 51.22
N GLY E 31 16.52 20.05 51.03
CA GLY E 31 15.07 19.81 50.97
C GLY E 31 14.64 18.95 49.79
N TRP E 32 15.26 19.18 48.61
CA TRP E 32 14.99 18.37 47.45
C TRP E 32 15.35 16.90 47.67
N LEU E 33 16.57 16.64 48.13
CA LEU E 33 17.00 15.27 48.43
C LEU E 33 16.19 14.58 49.54
N ALA E 34 15.72 15.35 50.52
CA ALA E 34 14.90 14.81 51.62
C ALA E 34 13.64 14.07 51.16
N LEU E 35 13.09 14.45 49.99
CA LEU E 35 11.85 13.86 49.46
C LEU E 35 12.06 12.54 48.74
N MET E 36 13.29 12.18 48.50
CA MET E 36 13.57 11.01 47.67
C MET E 36 13.84 9.82 48.55
N ALA E 37 13.55 8.62 48.03
CA ALA E 37 13.85 7.37 48.70
C ALA E 37 15.29 7.02 48.43
N ASP E 38 15.80 6.00 49.12
CA ASP E 38 17.17 5.47 48.91
C ASP E 38 17.28 4.57 47.68
N ASP E 39 16.15 4.15 47.11
CA ASP E 39 16.13 3.38 45.86
C ASP E 39 15.61 4.24 44.66
N ILE E 40 15.62 5.56 44.84
CA ILE E 40 15.17 6.47 43.80
C ILE E 40 15.83 6.31 42.43
N VAL E 41 15.03 6.54 41.39
CA VAL E 41 15.43 6.52 39.99
C VAL E 41 14.79 7.71 39.23
N VAL E 42 15.62 8.71 38.90
CA VAL E 42 15.21 9.85 38.11
C VAL E 42 15.68 9.69 36.66
N GLU E 43 14.72 9.66 35.76
CA GLU E 43 14.93 9.56 34.35
C GLU E 43 14.31 10.83 33.78
N ASP E 44 15.08 11.91 33.80
CA ASP E 44 14.63 13.21 33.28
C ASP E 44 15.56 13.61 32.11
N PRO E 45 15.36 13.10 30.89
CA PRO E 45 14.21 12.35 30.44
C PRO E 45 14.44 10.85 30.46
N ILE E 46 13.41 10.11 30.04
CA ILE E 46 13.57 8.70 29.84
C ILE E 46 14.35 8.59 28.56
N GLY E 47 15.40 7.79 28.66
CA GLY E 47 16.29 7.51 27.57
C GLY E 47 17.58 8.28 27.68
N GLU E 48 18.35 8.21 26.60
CA GLU E 48 19.69 8.76 26.50
C GLU E 48 19.59 10.25 26.25
N ALA E 49 20.20 11.01 27.16
CA ALA E 49 20.23 12.48 27.09
C ALA E 49 21.39 12.90 27.90
N VAL E 50 21.76 14.18 27.86
CA VAL E 50 22.89 14.62 28.71
C VAL E 50 22.53 14.44 30.17
N THR E 51 21.25 14.65 30.47
CA THR E 51 20.75 14.52 31.81
C THR E 51 20.49 13.07 32.26
N ASN E 52 20.61 12.12 31.35
CA ASN E 52 20.45 10.69 31.61
C ASN E 52 21.41 9.90 30.66
N PRO E 53 22.75 10.00 30.89
CA PRO E 53 23.76 9.56 29.86
C PRO E 53 23.78 8.07 29.49
N ASP E 54 23.64 7.19 30.50
CA ASP E 54 23.56 5.74 30.22
C ASP E 54 22.18 5.30 29.78
N GLY E 55 21.19 6.18 29.96
CA GLY E 55 19.83 5.93 29.46
C GLY E 55 19.00 5.09 30.37
N THR E 56 19.47 4.85 31.60
CA THR E 56 18.72 4.05 32.55
C THR E 56 18.42 4.85 33.82
N GLY E 57 18.73 6.14 33.80
CA GLY E 57 18.45 7.01 34.90
C GLY E 57 19.53 7.03 35.94
N VAL E 58 19.46 8.09 36.73
CA VAL E 58 20.27 8.31 37.88
C VAL E 58 19.63 7.55 39.05
N ARG E 59 20.36 6.55 39.57
CA ARG E 59 19.84 5.57 40.54
C ARG E 59 20.58 5.63 41.89
N GLY E 60 19.82 5.90 42.96
CA GLY E 60 20.38 5.90 44.31
C GLY E 60 20.56 7.33 44.75
N LYS E 61 20.39 7.56 46.04
CA LYS E 61 20.44 8.91 46.60
C LYS E 61 21.83 9.58 46.41
N ALA E 62 22.88 8.77 46.36
CA ALA E 62 24.25 9.23 46.21
C ALA E 62 24.55 9.75 44.82
N ALA E 63 24.12 8.99 43.81
CA ALA E 63 24.22 9.41 42.41
C ALA E 63 23.39 10.64 42.12
N LEU E 64 22.23 10.72 42.77
CA LEU E 64 21.31 11.85 42.64
C LEU E 64 21.84 13.14 43.19
N ALA E 65 22.64 13.04 44.24
CA ALA E 65 23.30 14.23 44.82
C ALA E 65 24.29 14.86 43.82
N ALA E 66 25.05 14.02 43.12
CA ALA E 66 26.06 14.46 42.15
C ALA E 66 25.40 14.90 40.83
N PHE E 67 24.29 14.23 40.45
CA PHE E 67 23.40 14.76 39.40
C PHE E 67 22.89 16.17 39.74
N TYR E 68 22.50 16.39 41.01
CA TYR E 68 22.03 17.71 41.44
C TYR E 68 23.10 18.74 41.19
N ASP E 69 24.32 18.48 41.67
CA ASP E 69 25.42 19.49 41.66
C ASP E 69 25.98 19.74 40.26
N THR E 70 25.88 18.71 39.40
CA THR E 70 26.22 18.81 37.99
C THR E 70 25.13 19.55 37.21
N ASN E 71 23.86 19.17 37.37
CA ASN E 71 22.79 19.60 36.42
C ASN E 71 21.72 20.56 36.94
N ILE E 72 21.60 20.74 38.27
CA ILE E 72 20.55 21.63 38.86
C ILE E 72 21.13 22.89 39.56
N GLY E 73 22.00 22.68 40.54
CA GLY E 73 22.59 23.77 41.31
C GLY E 73 23.17 24.92 40.52
N PRO E 74 23.91 24.63 39.41
CA PRO E 74 24.48 25.73 38.61
C PRO E 74 23.48 26.51 37.73
N ASN E 75 22.24 26.02 37.60
CA ASN E 75 21.28 26.57 36.66
C ASN E 75 20.08 27.07 37.48
N ARG E 76 19.28 27.95 36.90
CA ARG E 76 17.96 28.29 37.43
C ARG E 76 16.90 27.47 36.69
N LEU E 77 15.95 26.94 37.45
CA LEU E 77 14.91 26.05 36.96
C LEU E 77 13.55 26.61 37.39
N ARG E 78 12.61 26.61 36.46
CA ARG E 78 11.28 27.13 36.68
C ARG E 78 10.29 26.09 36.15
N VAL E 79 9.25 25.81 36.93
CA VAL E 79 8.27 24.78 36.61
C VAL E 79 6.91 25.41 36.42
N THR E 80 6.18 24.96 35.40
CA THR E 80 4.81 25.35 35.16
C THR E 80 3.99 24.04 34.99
N CYS E 81 3.11 23.76 35.93
CA CYS E 81 2.14 22.67 35.78
C CYS E 81 1.09 23.17 34.84
N GLU E 82 0.83 22.42 33.76
CA GLU E 82 -0.26 22.79 32.85
C GLU E 82 -1.49 21.93 32.91
N ALA E 83 -1.34 20.72 33.46
CA ALA E 83 -2.42 19.74 33.52
C ALA E 83 -2.03 18.65 34.44
N THR E 84 -3.06 18.02 35.02
CA THR E 84 -2.91 17.07 36.12
C THR E 84 -3.77 15.87 35.83
N PHE E 85 -3.20 14.67 35.94
CA PHE E 85 -3.94 13.45 35.63
C PHE E 85 -3.74 12.45 36.76
N PRO E 86 -4.57 12.57 37.84
CA PRO E 86 -4.47 11.64 38.96
C PRO E 86 -4.85 10.27 38.45
N SER E 87 -4.24 9.26 39.04
CA SER E 87 -4.65 7.88 38.80
C SER E 87 -5.72 7.49 39.83
N SER E 88 -6.17 6.24 39.79
CA SER E 88 -6.94 5.69 40.89
C SER E 88 -6.06 5.11 42.00
N SER E 89 -4.75 5.42 42.01
CA SER E 89 -3.88 5.15 43.14
C SER E 89 -3.39 6.47 43.72
N PRO E 90 -3.29 6.56 45.05
CA PRO E 90 -2.79 7.78 45.69
C PRO E 90 -1.24 7.90 45.69
N THR E 91 -0.56 6.83 45.30
CA THR E 91 0.88 6.86 45.23
C THR E 91 1.45 7.26 43.88
N GLU E 92 0.62 7.34 42.83
CA GLU E 92 1.08 7.62 41.45
C GLU E 92 0.23 8.65 40.68
N ILE E 93 0.89 9.68 40.19
CA ILE E 93 0.24 10.70 39.38
C ILE E 93 1.09 11.02 38.10
N ALA E 94 0.46 11.64 37.12
CA ALA E 94 1.11 12.12 35.90
C ALA E 94 0.72 13.55 35.69
N TYR E 95 1.68 14.38 35.27
CA TYR E 95 1.45 15.76 34.89
C TYR E 95 1.88 16.07 33.45
N ILE E 96 1.37 17.17 32.89
CA ILE E 96 2.02 17.89 31.82
C ILE E 96 2.72 19.06 32.45
N LEU E 97 4.05 19.08 32.37
CA LEU E 97 4.89 20.17 32.86
C LEU E 97 5.70 20.89 31.77
N VAL E 98 5.97 22.18 31.99
CA VAL E 98 6.86 22.98 31.21
C VAL E 98 8.02 23.41 32.09
N LEU E 99 9.19 22.87 31.76
CA LEU E 99 10.47 23.04 32.49
C LEU E 99 11.34 24.02 31.72
N GLU E 100 11.81 25.05 32.41
CA GLU E 100 12.54 26.14 31.82
C GLU E 100 13.87 26.17 32.58
N THR E 101 14.97 25.96 31.86
CA THR E 101 16.28 25.84 32.46
C THR E 101 17.19 26.97 31.99
N THR E 102 17.52 27.91 32.87
CA THR E 102 18.43 28.99 32.56
C THR E 102 19.85 28.57 32.99
N PHE E 103 20.77 28.54 32.02
CA PHE E 103 22.11 28.01 32.23
C PHE E 103 23.02 29.16 32.69
N PRO E 104 24.26 28.86 33.14
CA PRO E 104 25.13 29.88 33.72
C PRO E 104 25.52 30.98 32.80
N ASN E 105 25.56 30.72 31.49
CA ASN E 105 25.83 31.75 30.49
C ASN E 105 24.62 32.58 30.03
N GLY E 106 23.43 32.38 30.60
CA GLY E 106 22.24 33.18 30.23
C GLY E 106 21.34 32.55 29.19
N PHE E 107 21.72 31.38 28.66
CA PHE E 107 20.95 30.71 27.61
C PHE E 107 19.81 30.00 28.33
N VAL E 108 18.62 29.98 27.74
CA VAL E 108 17.43 29.32 28.36
C VAL E 108 16.83 28.26 27.43
N ALA E 109 16.62 27.07 27.99
CA ALA E 109 15.94 25.97 27.29
C ALA E 109 14.64 25.65 27.98
N THR E 110 13.64 25.37 27.17
CA THR E 110 12.30 25.18 27.63
C THR E 110 11.72 23.94 26.97
N VAL E 111 11.21 23.01 27.77
CA VAL E 111 10.55 21.81 27.23
C VAL E 111 9.21 21.45 27.90
N ARG E 112 8.23 21.09 27.07
CA ARG E 112 6.98 20.50 27.53
C ARG E 112 7.08 18.98 27.41
N GLY E 113 6.64 18.30 28.45
CA GLY E 113 6.58 16.85 28.43
C GLY E 113 5.64 16.33 29.52
N VAL E 114 5.43 15.01 29.48
CA VAL E 114 4.66 14.35 30.50
C VAL E 114 5.64 13.91 31.58
N PHE E 115 5.29 14.17 32.84
CA PHE E 115 6.08 13.77 34.01
C PHE E 115 5.26 12.91 34.93
N THR E 116 5.69 11.68 35.13
CA THR E 116 5.06 10.81 36.07
C THR E 116 5.89 10.72 37.34
N TYR E 117 5.17 10.64 38.49
CA TYR E 117 5.73 10.47 39.84
C TYR E 117 5.15 9.24 40.52
N ARG E 118 5.93 8.66 41.42
CA ARG E 118 5.53 7.52 42.28
C ARG E 118 6.17 7.68 43.67
N VAL E 119 5.37 7.41 44.71
CA VAL E 119 5.91 7.35 46.08
C VAL E 119 5.85 5.92 46.64
N ASP E 120 6.70 5.61 47.62
CA ASP E 120 6.52 4.35 48.40
C ASP E 120 5.55 4.61 49.58
N ASP E 121 5.02 3.53 50.17
CA ASP E 121 4.15 3.60 51.36
C ASP E 121 4.52 4.64 52.46
N ALA E 122 5.80 5.07 52.55
CA ALA E 122 6.27 6.19 53.45
C ALA E 122 6.22 7.66 52.92
N GLY E 123 5.74 7.88 51.68
CA GLY E 123 5.57 9.24 51.07
C GLY E 123 6.75 9.81 50.30
N LEU E 124 7.75 8.96 50.05
CA LEU E 124 9.02 9.38 49.50
C LEU E 124 9.06 8.97 48.03
N ILE E 125 9.60 9.86 47.20
CA ILE E 125 9.63 9.68 45.74
C ILE E 125 10.59 8.57 45.35
N THR E 126 10.10 7.56 44.66
CA THR E 126 10.92 6.47 44.11
C THR E 126 11.17 6.55 42.58
N ASN E 127 10.28 7.22 41.84
CA ASN E 127 10.35 7.32 40.38
C ASN E 127 9.93 8.74 39.94
N LEU E 128 10.84 9.44 39.28
CA LEU E 128 10.49 10.69 38.61
C LEU E 128 10.91 10.46 37.16
N ARG E 129 9.97 10.47 36.25
CA ARG E 129 10.18 10.03 34.86
C ARG E 129 9.60 11.08 33.90
N GLY E 130 10.36 11.50 32.88
CA GLY E 130 9.98 12.59 31.96
C GLY E 130 9.92 12.09 30.53
N TYR E 131 8.76 12.26 29.89
CA TYR E 131 8.53 11.86 28.50
C TYR E 131 8.74 13.12 27.64
N TRP E 132 9.96 13.34 27.22
CA TRP E 132 10.28 14.42 26.33
C TRP E 132 11.62 14.10 25.64
N ASN E 133 11.88 14.86 24.60
CA ASN E 133 13.17 14.84 23.93
C ASN E 133 13.34 16.22 23.26
N MET E 134 14.29 16.27 22.34
CA MET E 134 14.93 17.49 21.93
C MET E 134 14.08 18.13 20.85
N ASP E 135 13.30 17.36 20.13
CA ASP E 135 12.42 17.93 19.12
C ASP E 135 11.60 19.11 19.63
N ALA E 136 10.84 18.82 20.69
CA ALA E 136 9.89 19.72 21.33
C ALA E 136 10.52 20.93 22.09
N MET E 137 11.80 20.85 22.39
CA MET E 137 12.49 21.82 23.22
C MET E 137 12.71 23.13 22.43
N THR E 138 12.46 24.26 23.08
CA THR E 138 12.72 25.61 22.55
C THR E 138 13.73 26.37 23.40
N PHE E 139 14.24 27.47 22.87
CA PHE E 139 15.38 28.17 23.45
C PHE E 139 15.40 29.65 23.22
N THR E 140 16.05 30.37 24.13
CA THR E 140 16.22 31.82 23.95
C THR E 140 17.48 32.42 24.65
N GLU E 141 17.86 33.64 24.25
CA GLU E 141 19.00 34.45 24.80
C GLU E 141 20.34 33.79 24.47
N VAL F 10 2.35 -24.42 -30.48
CA VAL F 10 1.09 -24.65 -29.62
C VAL F 10 0.98 -26.06 -29.02
N SER F 11 1.15 -26.13 -27.72
CA SER F 11 1.07 -27.38 -26.98
C SER F 11 -0.30 -28.09 -27.15
N PRO F 12 -0.34 -29.42 -26.95
CA PRO F 12 -1.65 -30.05 -27.13
C PRO F 12 -2.62 -29.61 -26.05
N VAL F 13 -2.11 -29.30 -24.86
CA VAL F 13 -3.00 -28.88 -23.80
C VAL F 13 -3.56 -27.48 -24.04
N VAL F 14 -2.78 -26.57 -24.57
CA VAL F 14 -3.30 -25.28 -24.95
C VAL F 14 -4.37 -25.42 -26.03
N ALA F 15 -4.12 -26.21 -27.06
CA ALA F 15 -5.07 -26.30 -28.19
C ALA F 15 -6.37 -26.85 -27.74
N ALA F 16 -6.31 -27.88 -26.89
CA ALA F 16 -7.53 -28.51 -26.45
C ALA F 16 -8.33 -27.65 -25.47
N SER F 17 -7.63 -26.99 -24.54
CA SER F 17 -8.31 -26.22 -23.51
C SER F 17 -8.99 -25.00 -24.20
N GLN F 18 -8.33 -24.38 -25.16
CA GLN F 18 -8.92 -23.23 -25.86
C GLN F 18 -9.96 -23.57 -26.91
N ASN F 19 -9.91 -24.79 -27.46
CA ASN F 19 -11.02 -25.31 -28.25
C ASN F 19 -12.23 -25.50 -27.37
N SER F 20 -12.00 -26.01 -26.16
CA SER F 20 -13.05 -26.09 -25.15
C SER F 20 -13.78 -24.74 -24.92
N TRP F 21 -13.02 -23.66 -24.69
CA TRP F 21 -13.63 -22.36 -24.48
C TRP F 21 -14.42 -21.97 -25.70
N ARG F 22 -13.84 -22.20 -26.88
CA ARG F 22 -14.53 -21.88 -28.14
C ARG F 22 -15.87 -22.63 -28.19
N CYS F 23 -15.87 -23.92 -27.88
CA CYS F 23 -17.08 -24.74 -28.06
C CYS F 23 -18.17 -24.39 -27.08
N VAL F 24 -17.82 -24.20 -25.81
CA VAL F 24 -18.84 -23.94 -24.79
C VAL F 24 -19.50 -22.59 -24.98
N GLN F 25 -18.75 -21.66 -25.55
CA GLN F 25 -19.22 -20.33 -25.79
C GLN F 25 -20.11 -20.21 -27.03
N SER F 26 -19.87 -21.03 -28.04
CA SER F 26 -20.60 -20.98 -29.30
C SER F 26 -21.70 -22.06 -29.44
N GLY F 27 -22.00 -22.76 -28.37
CA GLY F 27 -23.02 -23.82 -28.39
C GLY F 27 -22.67 -25.04 -29.24
N ASP F 28 -21.39 -25.35 -29.44
CA ASP F 28 -20.95 -26.46 -30.29
C ASP F 28 -20.88 -27.75 -29.43
N ARG F 29 -22.04 -28.36 -29.22
CA ARG F 29 -22.15 -29.56 -28.40
C ARG F 29 -21.22 -30.70 -28.80
N GLU F 30 -21.26 -31.11 -30.07
CA GLU F 30 -20.44 -32.28 -30.56
C GLU F 30 -18.97 -31.96 -30.55
N GLY F 31 -18.63 -30.71 -30.91
CA GLY F 31 -17.26 -30.19 -30.84
C GLY F 31 -16.61 -30.34 -29.47
N TRP F 32 -17.40 -30.01 -28.45
CA TRP F 32 -17.00 -30.03 -27.05
C TRP F 32 -16.83 -31.43 -26.56
N LEU F 33 -17.84 -32.29 -26.75
CA LEU F 33 -17.73 -33.74 -26.39
C LEU F 33 -16.61 -34.43 -27.17
N ALA F 34 -16.35 -34.04 -28.41
CA ALA F 34 -15.23 -34.62 -29.19
C ALA F 34 -13.83 -34.26 -28.67
N LEU F 35 -13.72 -33.31 -27.74
CA LEU F 35 -12.39 -32.94 -27.14
C LEU F 35 -12.04 -33.80 -25.95
N MET F 36 -13.06 -34.47 -25.44
CA MET F 36 -12.98 -35.27 -24.22
C MET F 36 -12.62 -36.77 -24.44
N ALA F 37 -11.67 -37.25 -23.65
CA ALA F 37 -11.35 -38.67 -23.62
C ALA F 37 -12.42 -39.43 -22.86
N ASP F 38 -12.45 -40.75 -23.12
CA ASP F 38 -13.42 -41.63 -22.46
C ASP F 38 -13.38 -41.59 -20.94
N ASP F 39 -12.18 -41.50 -20.36
CA ASP F 39 -12.00 -41.42 -18.91
C ASP F 39 -12.10 -39.94 -18.32
N ILE F 40 -12.57 -38.99 -19.14
CA ILE F 40 -12.80 -37.58 -18.76
C ILE F 40 -13.45 -37.42 -17.40
N VAL F 41 -12.83 -36.62 -16.54
CA VAL F 41 -13.40 -36.21 -15.27
C VAL F 41 -13.42 -34.69 -15.28
N VAL F 42 -14.60 -34.10 -15.17
CA VAL F 42 -14.77 -32.64 -15.06
C VAL F 42 -15.25 -32.29 -13.66
N GLU F 43 -14.45 -31.48 -12.98
CA GLU F 43 -14.71 -31.06 -11.60
C GLU F 43 -14.81 -29.54 -11.62
N ASP F 44 -16.02 -29.06 -11.90
CA ASP F 44 -16.30 -27.64 -12.04
C ASP F 44 -17.40 -27.31 -11.08
N PRO F 45 -17.10 -26.96 -9.83
CA PRO F 45 -15.75 -26.85 -9.27
C PRO F 45 -15.27 -28.17 -8.74
N ILE F 46 -14.09 -28.18 -8.13
CA ILE F 46 -13.67 -29.26 -7.26
C ILE F 46 -14.44 -29.21 -5.94
N GLY F 47 -14.94 -30.38 -5.55
CA GLY F 47 -15.82 -30.53 -4.39
C GLY F 47 -17.30 -30.21 -4.65
N GLU F 48 -18.11 -30.36 -3.60
CA GLU F 48 -19.57 -30.35 -3.66
C GLU F 48 -20.15 -28.99 -4.07
N ALA F 49 -21.03 -29.03 -5.06
CA ALA F 49 -21.72 -27.86 -5.59
C ALA F 49 -22.78 -28.37 -6.57
N VAL F 50 -23.67 -27.49 -7.06
CA VAL F 50 -24.74 -27.97 -7.93
C VAL F 50 -24.23 -28.58 -9.24
N THR F 51 -23.15 -28.02 -9.77
CA THR F 51 -22.45 -28.50 -10.97
C THR F 51 -21.47 -29.68 -10.73
N ASN F 52 -21.27 -30.06 -9.45
CA ASN F 52 -20.59 -31.30 -8.98
C ASN F 52 -21.38 -31.95 -7.80
N PRO F 53 -22.57 -32.52 -8.09
CA PRO F 53 -23.49 -33.02 -7.02
C PRO F 53 -22.91 -34.06 -6.05
N ASP F 54 -22.12 -35.02 -6.49
CA ASP F 54 -21.54 -36.00 -5.57
C ASP F 54 -20.16 -35.54 -5.01
N GLY F 55 -19.61 -34.47 -5.57
CA GLY F 55 -18.35 -33.90 -5.10
C GLY F 55 -17.07 -34.56 -5.60
N THR F 56 -17.22 -35.55 -6.48
CA THR F 56 -16.14 -36.33 -7.06
C THR F 56 -15.97 -36.06 -8.59
N GLY F 57 -16.80 -35.24 -9.17
CA GLY F 57 -16.61 -34.86 -10.58
C GLY F 57 -17.59 -35.62 -11.42
N VAL F 58 -17.87 -35.04 -12.59
CA VAL F 58 -18.74 -35.62 -13.58
C VAL F 58 -17.85 -36.50 -14.48
N ARG F 59 -18.24 -37.79 -14.60
CA ARG F 59 -17.31 -38.85 -15.12
C ARG F 59 -17.81 -39.55 -16.36
N GLY F 60 -16.98 -39.57 -17.39
CA GLY F 60 -17.29 -40.25 -18.63
C GLY F 60 -18.10 -39.37 -19.55
N LYS F 61 -18.15 -39.74 -20.83
CA LYS F 61 -18.83 -38.90 -21.82
C LYS F 61 -20.35 -38.88 -21.82
N ALA F 62 -20.97 -39.84 -21.14
CA ALA F 62 -22.42 -39.92 -21.08
C ALA F 62 -22.92 -38.96 -20.02
N ALA F 63 -22.35 -39.05 -18.81
CA ALA F 63 -22.65 -38.06 -17.74
C ALA F 63 -22.32 -36.59 -18.11
N LEU F 64 -21.23 -36.38 -18.88
CA LEU F 64 -20.82 -35.08 -19.43
C LEU F 64 -21.80 -34.48 -20.42
N ALA F 65 -22.43 -35.35 -21.21
CA ALA F 65 -23.46 -34.90 -22.13
C ALA F 65 -24.66 -34.33 -21.34
N ALA F 66 -25.07 -35.01 -20.27
CA ALA F 66 -26.14 -34.47 -19.44
C ALA F 66 -25.71 -33.19 -18.78
N PHE F 67 -24.42 -33.10 -18.41
CA PHE F 67 -23.87 -31.88 -17.81
C PHE F 67 -23.99 -30.72 -18.80
N TYR F 68 -23.66 -31.00 -20.06
CA TYR F 68 -23.77 -30.01 -21.12
C TYR F 68 -25.23 -29.61 -21.34
N ASP F 69 -26.15 -30.59 -21.43
CA ASP F 69 -27.56 -30.31 -21.70
C ASP F 69 -28.26 -29.60 -20.54
N THR F 70 -27.74 -29.79 -19.33
CA THR F 70 -28.28 -29.11 -18.15
C THR F 70 -27.70 -27.69 -17.94
N ASN F 71 -26.39 -27.52 -18.15
CA ASN F 71 -25.70 -26.31 -17.63
C ASN F 71 -25.16 -25.36 -18.69
N ILE F 72 -24.94 -25.87 -19.91
CA ILE F 72 -24.31 -25.10 -21.00
C ILE F 72 -25.24 -24.77 -22.15
N GLY F 73 -25.78 -25.80 -22.80
CA GLY F 73 -26.68 -25.65 -23.98
C GLY F 73 -27.83 -24.65 -23.85
N PRO F 74 -28.61 -24.72 -22.77
CA PRO F 74 -29.67 -23.74 -22.57
C PRO F 74 -29.24 -22.26 -22.28
N ASN F 75 -27.94 -22.01 -22.06
CA ASN F 75 -27.46 -20.77 -21.46
C ASN F 75 -26.47 -20.12 -22.39
N ARG F 76 -25.91 -19.01 -21.96
CA ARG F 76 -24.91 -18.34 -22.76
C ARG F 76 -23.72 -18.22 -21.80
N LEU F 77 -22.64 -18.91 -22.19
CA LEU F 77 -21.40 -18.96 -21.44
C LEU F 77 -20.43 -18.05 -22.08
N ARG F 78 -19.80 -17.19 -21.29
CA ARG F 78 -18.63 -16.47 -21.74
C ARG F 78 -17.53 -16.90 -20.79
N VAL F 79 -16.33 -17.02 -21.34
CA VAL F 79 -15.15 -17.56 -20.68
C VAL F 79 -14.08 -16.58 -21.04
N THR F 80 -13.47 -15.92 -20.06
CA THR F 80 -12.39 -14.98 -20.32
C THR F 80 -11.16 -15.45 -19.58
N CYS F 81 -10.04 -15.38 -20.27
CA CYS F 81 -8.75 -15.76 -19.78
C CYS F 81 -7.95 -14.50 -19.30
N GLU F 82 -7.77 -14.44 -18.01
CA GLU F 82 -7.04 -13.40 -17.40
C GLU F 82 -5.55 -13.65 -17.39
N ALA F 83 -5.13 -14.90 -17.21
CA ALA F 83 -3.69 -15.28 -17.13
C ALA F 83 -3.45 -16.78 -17.47
N THR F 84 -2.31 -17.07 -18.08
CA THR F 84 -1.96 -18.43 -18.44
C THR F 84 -0.77 -18.84 -17.65
N PHE F 85 -0.78 -20.07 -17.17
CA PHE F 85 0.36 -20.59 -16.44
C PHE F 85 0.79 -21.93 -17.03
N PRO F 86 1.49 -21.87 -18.16
CA PRO F 86 2.08 -23.11 -18.71
C PRO F 86 2.96 -23.86 -17.68
N SER F 87 2.88 -25.19 -17.69
CA SER F 87 3.77 -26.00 -16.87
C SER F 87 5.02 -26.31 -17.70
N SER F 88 5.85 -27.23 -17.24
CA SER F 88 6.95 -27.72 -18.06
C SER F 88 6.55 -28.98 -18.80
N SER F 89 5.28 -29.37 -18.75
CA SER F 89 4.74 -30.41 -19.63
C SER F 89 3.81 -29.77 -20.67
N PRO F 90 3.85 -30.25 -21.92
CA PRO F 90 2.87 -29.83 -22.95
C PRO F 90 1.48 -30.43 -22.81
N THR F 91 1.26 -31.30 -21.81
CA THR F 91 -0.05 -31.89 -21.60
C THR F 91 -0.86 -31.26 -20.48
N GLU F 92 -0.27 -30.34 -19.70
CA GLU F 92 -0.96 -29.80 -18.52
C GLU F 92 -0.75 -28.32 -18.35
N ILE F 93 -1.81 -27.59 -18.09
CA ILE F 93 -1.72 -26.13 -17.92
C ILE F 93 -2.72 -25.65 -16.89
N ALA F 94 -2.44 -24.48 -16.29
CA ALA F 94 -3.38 -23.81 -15.42
C ALA F 94 -3.68 -22.40 -15.93
N TYR F 95 -4.92 -21.96 -15.73
CA TYR F 95 -5.30 -20.60 -16.06
C TYR F 95 -6.10 -19.96 -14.96
N ILE F 96 -6.04 -18.64 -14.89
CA ILE F 96 -7.06 -17.90 -14.19
C ILE F 96 -8.08 -17.49 -15.22
N LEU F 97 -9.32 -17.89 -14.98
CA LEU F 97 -10.47 -17.59 -15.85
C LEU F 97 -11.63 -16.99 -15.06
N VAL F 98 -12.48 -16.26 -15.77
CA VAL F 98 -13.77 -15.84 -15.28
C VAL F 98 -14.79 -16.50 -16.15
N LEU F 99 -15.73 -17.19 -15.50
CA LEU F 99 -16.81 -17.91 -16.16
C LEU F 99 -18.08 -17.17 -15.84
N GLU F 100 -18.76 -16.69 -16.89
CA GLU F 100 -20.03 -15.98 -16.81
C GLU F 100 -21.10 -16.81 -17.54
N THR F 101 -22.13 -17.23 -16.81
CA THR F 101 -23.31 -17.92 -17.35
C THR F 101 -24.54 -17.03 -17.31
N THR F 102 -25.15 -16.79 -18.45
CA THR F 102 -26.35 -15.98 -18.54
C THR F 102 -27.51 -16.96 -18.82
N PHE F 103 -28.44 -17.06 -17.87
CA PHE F 103 -29.59 -17.97 -17.99
C PHE F 103 -30.73 -17.27 -18.76
N PRO F 104 -31.67 -18.02 -19.37
CA PRO F 104 -32.78 -17.37 -20.14
C PRO F 104 -33.65 -16.38 -19.31
N ASN F 105 -33.71 -16.55 -18.01
CA ASN F 105 -34.46 -15.59 -17.17
C ASN F 105 -33.75 -14.27 -16.78
N GLY F 106 -32.55 -13.97 -17.30
CA GLY F 106 -31.82 -12.69 -16.96
C GLY F 106 -30.77 -12.71 -15.85
N PHE F 107 -30.69 -13.86 -15.18
CA PHE F 107 -29.74 -14.15 -14.10
C PHE F 107 -28.37 -14.39 -14.72
N VAL F 108 -27.35 -13.83 -14.09
CA VAL F 108 -25.98 -13.96 -14.53
C VAL F 108 -25.17 -14.46 -13.36
N ALA F 109 -24.49 -15.61 -13.52
CA ALA F 109 -23.60 -16.09 -12.46
C ALA F 109 -22.21 -15.90 -13.00
N THR F 110 -21.39 -15.16 -12.27
CA THR F 110 -20.02 -14.93 -12.60
C THR F 110 -19.08 -15.42 -11.49
N VAL F 111 -18.11 -16.23 -11.89
CA VAL F 111 -17.06 -16.61 -10.99
C VAL F 111 -15.69 -16.63 -11.63
N ARG F 112 -14.73 -16.21 -10.84
CA ARG F 112 -13.33 -16.13 -11.19
C ARG F 112 -12.62 -17.24 -10.43
N GLY F 113 -11.67 -17.91 -11.07
CA GLY F 113 -11.06 -19.12 -10.47
C GLY F 113 -9.81 -19.56 -11.25
N VAL F 114 -9.08 -20.50 -10.66
CA VAL F 114 -7.98 -21.16 -11.32
C VAL F 114 -8.60 -22.41 -11.95
N PHE F 115 -8.25 -22.67 -13.21
CA PHE F 115 -8.75 -23.81 -13.94
C PHE F 115 -7.56 -24.59 -14.47
N THR F 116 -7.56 -25.90 -14.23
CA THR F 116 -6.47 -26.75 -14.68
C THR F 116 -6.97 -27.77 -15.69
N TYR F 117 -6.14 -28.02 -16.69
CA TYR F 117 -6.51 -28.94 -17.74
C TYR F 117 -5.38 -29.96 -17.89
N ARG F 118 -5.77 -31.18 -18.23
CA ARG F 118 -4.82 -32.22 -18.56
C ARG F 118 -5.33 -32.92 -19.80
N VAL F 119 -4.43 -33.12 -20.78
CA VAL F 119 -4.70 -34.02 -21.89
C VAL F 119 -3.86 -35.30 -21.81
N ASP F 120 -4.27 -36.29 -22.61
CA ASP F 120 -3.58 -37.59 -22.82
C ASP F 120 -2.75 -37.61 -24.11
N ASP F 121 -2.18 -38.78 -24.43
CA ASP F 121 -1.28 -38.97 -25.59
C ASP F 121 -1.94 -38.59 -26.89
N ALA F 122 -3.24 -38.83 -27.01
CA ALA F 122 -4.05 -38.38 -28.19
C ALA F 122 -4.44 -36.88 -28.26
N GLY F 123 -4.13 -36.09 -27.22
CA GLY F 123 -4.56 -34.67 -27.13
C GLY F 123 -6.01 -34.43 -26.70
N LEU F 124 -6.63 -35.45 -26.10
CA LEU F 124 -7.98 -35.34 -25.60
C LEU F 124 -7.89 -35.01 -24.11
N ILE F 125 -8.89 -34.31 -23.60
CA ILE F 125 -8.87 -33.86 -22.24
C ILE F 125 -9.32 -35.00 -21.31
N THR F 126 -8.53 -35.23 -20.28
CA THR F 126 -8.86 -36.20 -19.24
C THR F 126 -9.34 -35.53 -17.95
N ASN F 127 -8.92 -34.27 -17.70
CA ASN F 127 -9.21 -33.57 -16.43
C ASN F 127 -9.44 -32.06 -16.67
N LEU F 128 -10.59 -31.54 -16.23
CA LEU F 128 -10.87 -30.10 -16.20
C LEU F 128 -11.33 -29.83 -14.78
N ARG F 129 -10.51 -29.09 -14.02
CA ARG F 129 -10.74 -28.86 -12.59
C ARG F 129 -10.75 -27.35 -12.32
N GLY F 130 -11.74 -26.89 -11.53
CA GLY F 130 -11.91 -25.46 -11.21
C GLY F 130 -11.78 -25.24 -9.71
N TYR F 131 -10.85 -24.38 -9.29
CA TYR F 131 -10.66 -24.01 -7.90
C TYR F 131 -11.46 -22.73 -7.67
N TRP F 132 -12.72 -22.92 -7.35
CA TRP F 132 -13.60 -21.87 -6.90
C TRP F 132 -14.69 -22.44 -5.96
N ASN F 133 -15.44 -21.49 -5.43
CA ASN F 133 -16.21 -21.61 -4.23
C ASN F 133 -17.41 -20.72 -4.40
N MET F 134 -18.54 -21.02 -3.80
CA MET F 134 -19.68 -20.05 -3.80
C MET F 134 -19.38 -18.67 -3.16
N ASP F 135 -18.45 -18.58 -2.21
CA ASP F 135 -18.00 -17.28 -1.76
C ASP F 135 -17.47 -16.43 -2.86
N ALA F 136 -17.02 -17.01 -4.00
CA ALA F 136 -16.42 -16.23 -5.10
C ALA F 136 -17.40 -15.89 -6.27
N MET F 137 -18.66 -16.15 -6.06
CA MET F 137 -19.63 -16.15 -7.14
C MET F 137 -20.47 -14.89 -6.97
N THR F 138 -20.78 -14.26 -8.07
CA THR F 138 -21.48 -13.03 -8.05
C THR F 138 -22.75 -13.30 -8.83
N PHE F 139 -23.91 -12.94 -8.24
CA PHE F 139 -25.17 -12.96 -8.98
C PHE F 139 -25.56 -11.53 -9.39
N THR F 140 -25.91 -11.39 -10.67
CA THR F 140 -26.35 -10.14 -11.32
C THR F 140 -27.32 -10.49 -12.53
N VAL G 10 -13.48 -8.21 -14.68
CA VAL G 10 -12.97 -8.26 -16.11
C VAL G 10 -12.89 -6.89 -16.77
N SER G 11 -11.70 -6.47 -17.22
CA SER G 11 -11.59 -5.16 -17.83
C SER G 11 -12.38 -5.12 -19.14
N PRO G 12 -12.75 -3.93 -19.61
CA PRO G 12 -13.48 -3.87 -20.89
C PRO G 12 -12.67 -4.28 -22.13
N VAL G 13 -11.37 -3.98 -22.10
CA VAL G 13 -10.50 -4.43 -23.18
C VAL G 13 -10.38 -5.96 -23.23
N VAL G 14 -10.30 -6.66 -22.08
CA VAL G 14 -10.30 -8.15 -22.01
C VAL G 14 -11.61 -8.73 -22.56
N ALA G 15 -12.75 -8.22 -22.12
CA ALA G 15 -14.07 -8.70 -22.60
C ALA G 15 -14.20 -8.61 -24.12
N ALA G 16 -13.75 -7.50 -24.67
CA ALA G 16 -13.94 -7.19 -26.04
C ALA G 16 -12.97 -8.06 -26.88
N SER G 17 -11.69 -7.97 -26.54
CA SER G 17 -10.64 -8.69 -27.21
C SER G 17 -10.95 -10.20 -27.26
N GLN G 18 -11.53 -10.73 -26.20
CA GLN G 18 -11.80 -12.16 -26.12
C GLN G 18 -13.14 -12.59 -26.69
N ASN G 19 -14.09 -11.66 -26.75
CA ASN G 19 -15.32 -11.81 -27.53
C ASN G 19 -14.99 -11.89 -29.00
N SER G 20 -14.00 -11.08 -29.41
CA SER G 20 -13.50 -11.11 -30.77
C SER G 20 -12.95 -12.51 -31.11
N TRP G 21 -12.08 -13.07 -30.31
CA TRP G 21 -11.65 -14.41 -30.58
C TRP G 21 -12.83 -15.39 -30.76
N ARG G 22 -13.85 -15.31 -29.91
CA ARG G 22 -15.03 -16.17 -30.02
C ARG G 22 -15.75 -16.00 -31.39
N CYS G 23 -15.93 -14.74 -31.80
CA CYS G 23 -16.63 -14.40 -32.99
C CYS G 23 -15.90 -14.91 -34.25
N VAL G 24 -14.63 -14.54 -34.43
CA VAL G 24 -13.86 -15.00 -35.61
C VAL G 24 -13.70 -16.53 -35.72
N GLN G 25 -13.61 -17.20 -34.59
CA GLN G 25 -13.37 -18.62 -34.55
C GLN G 25 -14.67 -19.44 -34.77
N SER G 26 -15.83 -18.82 -34.58
CA SER G 26 -17.10 -19.52 -34.69
C SER G 26 -18.00 -18.96 -35.81
N GLY G 27 -17.44 -18.14 -36.68
CA GLY G 27 -18.18 -17.61 -37.83
C GLY G 27 -19.37 -16.73 -37.46
N ASP G 28 -19.19 -15.87 -36.46
CA ASP G 28 -20.23 -14.90 -36.01
C ASP G 28 -19.88 -13.52 -36.58
N ARG G 29 -20.16 -13.36 -37.86
CA ARG G 29 -19.90 -12.11 -38.60
C ARG G 29 -20.48 -10.88 -37.92
N GLU G 30 -21.74 -10.96 -37.48
CA GLU G 30 -22.50 -9.80 -36.93
C GLU G 30 -22.02 -9.46 -35.54
N GLY G 31 -21.87 -10.52 -34.72
CA GLY G 31 -21.09 -10.49 -33.48
C GLY G 31 -19.77 -9.74 -33.59
N TRP G 32 -18.93 -10.12 -34.55
CA TRP G 32 -17.59 -9.53 -34.68
C TRP G 32 -17.63 -8.04 -35.00
N LEU G 33 -18.50 -7.64 -35.91
CA LEU G 33 -18.56 -6.23 -36.33
C LEU G 33 -19.10 -5.34 -35.19
N ALA G 34 -20.15 -5.82 -34.52
CA ALA G 34 -20.73 -5.17 -33.33
C ALA G 34 -19.70 -4.77 -32.23
N LEU G 35 -18.65 -5.57 -32.08
CA LEU G 35 -17.54 -5.28 -31.17
C LEU G 35 -16.68 -4.10 -31.56
N MET G 36 -16.80 -3.64 -32.80
CA MET G 36 -15.88 -2.60 -33.29
C MET G 36 -16.45 -1.18 -33.26
N ALA G 37 -15.58 -0.22 -33.00
CA ALA G 37 -15.94 1.18 -33.15
C ALA G 37 -16.09 1.56 -34.64
N ASP G 38 -16.67 2.74 -34.90
CA ASP G 38 -16.72 3.33 -36.26
C ASP G 38 -15.34 3.72 -36.81
N ASP G 39 -14.45 4.24 -35.96
CA ASP G 39 -13.06 4.60 -36.35
C ASP G 39 -12.03 3.43 -36.20
N ILE G 40 -12.53 2.20 -36.14
CA ILE G 40 -11.69 0.98 -36.12
C ILE G 40 -10.58 0.90 -37.18
N VAL G 41 -9.35 0.71 -36.70
CA VAL G 41 -8.19 0.48 -37.54
C VAL G 41 -7.66 -0.88 -37.14
N VAL G 42 -7.81 -1.88 -38.00
CA VAL G 42 -7.20 -3.21 -37.78
C VAL G 42 -5.97 -3.40 -38.65
N GLU G 43 -4.82 -3.49 -38.00
CA GLU G 43 -3.54 -3.69 -38.63
C GLU G 43 -3.03 -5.07 -38.28
N ASP G 44 -3.45 -6.04 -39.08
CA ASP G 44 -3.05 -7.43 -38.92
C ASP G 44 -2.26 -7.84 -40.19
N PRO G 45 -0.93 -7.76 -40.23
CA PRO G 45 -0.08 -7.14 -39.25
C PRO G 45 0.00 -5.66 -39.46
N ILE G 46 0.82 -5.04 -38.63
CA ILE G 46 1.28 -3.68 -38.82
C ILE G 46 2.26 -3.75 -39.99
N GLY G 47 2.04 -2.84 -40.95
CA GLY G 47 2.92 -2.65 -42.09
C GLY G 47 2.32 -3.24 -43.34
N GLU G 48 3.09 -3.22 -44.43
CA GLU G 48 2.60 -3.64 -45.75
C GLU G 48 2.60 -5.19 -45.78
N ALA G 49 1.47 -5.80 -46.13
CA ALA G 49 1.43 -7.26 -46.29
C ALA G 49 0.17 -7.66 -47.04
N VAL G 50 0.08 -8.94 -47.40
CA VAL G 50 -1.09 -9.49 -48.12
C VAL G 50 -2.43 -9.02 -47.52
N THR G 51 -2.52 -9.22 -46.22
CA THR G 51 -3.74 -8.94 -45.43
C THR G 51 -3.86 -7.47 -44.86
N ASN G 52 -2.92 -6.60 -45.27
CA ASN G 52 -2.91 -5.15 -45.03
C ASN G 52 -2.20 -4.43 -46.25
N PRO G 53 -2.91 -4.37 -47.40
CA PRO G 53 -2.28 -3.81 -48.62
C PRO G 53 -1.71 -2.36 -48.44
N ASP G 54 -2.57 -1.43 -48.01
CA ASP G 54 -2.24 0.00 -47.71
C ASP G 54 -0.88 0.29 -47.09
N GLY G 55 -0.52 -0.56 -46.13
CA GLY G 55 0.49 -0.30 -45.13
C GLY G 55 -0.03 0.40 -43.87
N THR G 56 -1.32 0.77 -43.84
CA THR G 56 -1.89 1.64 -42.79
C THR G 56 -3.14 1.01 -42.14
N GLY G 57 -3.29 -0.31 -42.30
CA GLY G 57 -4.38 -1.07 -41.74
C GLY G 57 -5.65 -0.87 -42.50
N VAL G 58 -6.67 -1.63 -42.09
CA VAL G 58 -8.02 -1.64 -42.65
C VAL G 58 -8.99 -0.75 -41.82
N ARG G 59 -9.61 0.25 -42.46
CA ARG G 59 -10.29 1.37 -41.78
C ARG G 59 -11.79 1.42 -42.00
N GLY G 60 -12.52 1.58 -40.90
CA GLY G 60 -13.97 1.52 -40.93
C GLY G 60 -14.54 0.12 -41.00
N LYS G 61 -15.80 0.03 -40.57
CA LYS G 61 -16.53 -1.23 -40.54
C LYS G 61 -17.02 -1.58 -41.95
N ALA G 62 -16.93 -0.59 -42.85
CA ALA G 62 -17.10 -0.79 -44.29
C ALA G 62 -16.02 -1.77 -44.79
N ALA G 63 -14.75 -1.36 -44.75
CA ALA G 63 -13.65 -2.22 -45.24
C ALA G 63 -13.45 -3.51 -44.41
N LEU G 64 -13.79 -3.45 -43.11
CA LEU G 64 -13.55 -4.58 -42.22
C LEU G 64 -14.52 -5.74 -42.48
N ALA G 65 -15.76 -5.44 -42.88
CA ALA G 65 -16.70 -6.49 -43.36
C ALA G 65 -16.16 -7.19 -44.62
N ALA G 66 -15.46 -6.45 -45.49
CA ALA G 66 -14.79 -7.03 -46.69
C ALA G 66 -13.64 -7.98 -46.30
N PHE G 67 -12.75 -7.47 -45.44
CA PHE G 67 -11.68 -8.24 -44.75
C PHE G 67 -12.18 -9.62 -44.23
N TYR G 68 -13.32 -9.59 -43.52
CA TYR G 68 -13.89 -10.79 -42.88
C TYR G 68 -14.32 -11.79 -43.94
N ASP G 69 -15.09 -11.30 -44.91
CA ASP G 69 -15.61 -12.08 -46.06
C ASP G 69 -14.51 -12.74 -46.87
N THR G 70 -13.47 -11.98 -47.16
CA THR G 70 -12.29 -12.48 -47.86
C THR G 70 -11.49 -13.51 -47.03
N ASN G 71 -11.11 -13.16 -45.79
CA ASN G 71 -10.00 -13.83 -45.06
C ASN G 71 -10.39 -14.74 -43.89
N ILE G 72 -11.66 -14.68 -43.46
CA ILE G 72 -12.13 -15.38 -42.26
C ILE G 72 -13.43 -16.17 -42.48
N GLY G 73 -14.45 -15.54 -43.04
CA GLY G 73 -15.71 -16.25 -43.40
C GLY G 73 -15.56 -17.63 -44.05
N PRO G 74 -14.74 -17.75 -45.11
CA PRO G 74 -14.65 -19.03 -45.81
C PRO G 74 -13.65 -20.01 -45.20
N ASN G 75 -12.90 -19.59 -44.18
CA ASN G 75 -11.80 -20.40 -43.65
C ASN G 75 -12.10 -20.86 -42.19
N ARG G 76 -11.26 -21.72 -41.61
CA ARG G 76 -11.38 -22.15 -40.22
C ARG G 76 -10.24 -21.43 -39.46
N LEU G 77 -10.62 -20.43 -38.66
CA LEU G 77 -9.66 -19.62 -37.87
C LEU G 77 -9.66 -20.05 -36.39
N ARG G 78 -8.48 -20.37 -35.89
CA ARG G 78 -8.25 -20.82 -34.55
C ARG G 78 -7.26 -19.85 -33.89
N VAL G 79 -7.63 -19.28 -32.74
CA VAL G 79 -6.88 -18.27 -32.01
C VAL G 79 -6.53 -18.95 -30.71
N THR G 80 -5.31 -18.74 -30.30
CA THR G 80 -4.74 -19.44 -29.20
C THR G 80 -3.94 -18.42 -28.42
N CYS G 81 -4.21 -18.31 -27.13
CA CYS G 81 -3.57 -17.31 -26.31
C CYS G 81 -2.45 -17.99 -25.57
N GLU G 82 -1.23 -17.55 -25.79
CA GLU G 82 -0.08 -18.15 -25.10
C GLU G 82 0.24 -17.42 -23.80
N ALA G 83 0.13 -16.11 -23.82
CA ALA G 83 0.49 -15.30 -22.64
C ALA G 83 -0.31 -14.05 -22.65
N THR G 84 -0.59 -13.55 -21.47
CA THR G 84 -1.38 -12.34 -21.43
C THR G 84 -0.56 -11.25 -20.83
N PHE G 85 -0.70 -10.03 -21.37
CA PHE G 85 0.09 -8.92 -20.83
C PHE G 85 -0.81 -7.69 -20.62
N PRO G 86 -1.56 -7.69 -19.49
CA PRO G 86 -2.39 -6.54 -19.15
C PRO G 86 -1.55 -5.29 -18.87
N SER G 87 -2.02 -4.12 -19.26
CA SER G 87 -1.31 -2.89 -18.87
C SER G 87 -1.83 -2.45 -17.50
N SER G 88 -1.47 -1.24 -17.08
CA SER G 88 -2.05 -0.59 -15.90
C SER G 88 -3.24 0.29 -16.28
N SER G 89 -3.86 0.04 -17.45
CA SER G 89 -5.07 0.75 -17.94
C SER G 89 -6.13 -0.25 -18.35
N PRO G 90 -7.36 -0.07 -17.93
CA PRO G 90 -8.29 -1.13 -18.34
C PRO G 90 -8.72 -1.05 -19.85
N THR G 91 -8.17 -0.09 -20.60
CA THR G 91 -8.50 0.02 -22.02
C THR G 91 -7.49 -0.68 -22.97
N GLU G 92 -6.37 -1.20 -22.45
CA GLU G 92 -5.29 -1.67 -23.29
C GLU G 92 -4.57 -2.87 -22.76
N ILE G 93 -4.35 -3.82 -23.66
CA ILE G 93 -3.78 -5.11 -23.31
C ILE G 93 -3.02 -5.59 -24.52
N ALA G 94 -1.96 -6.34 -24.28
CA ALA G 94 -1.24 -7.05 -25.31
C ALA G 94 -1.27 -8.54 -25.01
N TYR G 95 -1.28 -9.34 -26.08
CA TYR G 95 -1.19 -10.78 -25.94
C TYR G 95 -0.17 -11.38 -26.86
N ILE G 96 0.36 -12.54 -26.47
CA ILE G 96 1.02 -13.40 -27.43
C ILE G 96 -0.01 -14.39 -27.93
N LEU G 97 -0.36 -14.23 -29.19
CA LEU G 97 -1.25 -15.13 -29.86
C LEU G 97 -0.59 -15.93 -30.99
N VAL G 98 -1.20 -17.11 -31.21
CA VAL G 98 -1.12 -17.89 -32.44
C VAL G 98 -2.47 -17.88 -33.18
N LEU G 99 -2.44 -17.37 -34.41
CA LEU G 99 -3.55 -17.35 -35.38
C LEU G 99 -3.26 -18.44 -36.41
N GLU G 100 -4.21 -19.34 -36.59
CA GLU G 100 -4.10 -20.46 -37.52
C GLU G 100 -5.33 -20.48 -38.40
N THR G 101 -5.11 -20.28 -39.70
CA THR G 101 -6.14 -20.38 -40.73
C THR G 101 -5.99 -21.67 -41.53
N THR G 102 -7.06 -22.45 -41.57
CA THR G 102 -7.15 -23.63 -42.40
C THR G 102 -8.05 -23.24 -43.58
N PHE G 103 -7.50 -23.26 -44.78
CA PHE G 103 -8.32 -22.98 -45.99
C PHE G 103 -9.08 -24.23 -46.42
N PRO G 104 -10.15 -24.07 -47.26
CA PRO G 104 -10.93 -25.28 -47.61
C PRO G 104 -10.13 -26.39 -48.32
N ASN G 105 -9.03 -26.03 -49.02
CA ASN G 105 -8.13 -27.05 -49.66
C ASN G 105 -7.15 -27.79 -48.69
N GLY G 106 -7.15 -27.42 -47.39
CA GLY G 106 -6.23 -28.01 -46.39
C GLY G 106 -4.90 -27.30 -46.27
N PHE G 107 -4.81 -26.16 -46.97
CA PHE G 107 -3.73 -25.23 -46.78
C PHE G 107 -3.85 -24.60 -45.35
N VAL G 108 -2.75 -24.59 -44.61
CA VAL G 108 -2.73 -24.05 -43.26
C VAL G 108 -1.66 -22.95 -43.17
N ALA G 109 -2.08 -21.70 -42.97
CA ALA G 109 -1.13 -20.62 -42.60
C ALA G 109 -1.31 -20.30 -41.11
N THR G 110 -0.18 -20.24 -40.41
CA THR G 110 -0.09 -20.19 -38.94
C THR G 110 0.94 -19.14 -38.56
N VAL G 111 0.53 -18.13 -37.78
CA VAL G 111 1.50 -17.11 -37.27
C VAL G 111 1.41 -16.84 -35.75
N ARG G 112 2.57 -16.82 -35.12
CA ARG G 112 2.74 -16.40 -33.75
C ARG G 112 3.21 -14.94 -33.75
N GLY G 113 2.59 -14.12 -32.89
CA GLY G 113 2.99 -12.70 -32.69
C GLY G 113 2.38 -12.01 -31.45
N VAL G 114 2.76 -10.75 -31.24
CA VAL G 114 2.23 -9.90 -30.20
C VAL G 114 1.03 -9.18 -30.78
N PHE G 115 -0.12 -9.31 -30.13
CA PHE G 115 -1.28 -8.59 -30.60
C PHE G 115 -1.70 -7.59 -29.57
N THR G 116 -1.82 -6.33 -29.94
CA THR G 116 -2.26 -5.31 -28.95
C THR G 116 -3.67 -4.90 -29.25
N TYR G 117 -4.50 -4.74 -28.21
CA TYR G 117 -5.87 -4.20 -28.39
C TYR G 117 -6.07 -2.88 -27.60
N ARG G 118 -7.07 -2.09 -28.04
CA ARG G 118 -7.47 -0.86 -27.38
C ARG G 118 -8.97 -0.68 -27.53
N VAL G 119 -9.64 -0.30 -26.46
CA VAL G 119 -11.06 0.10 -26.56
C VAL G 119 -11.26 1.60 -26.26
N ASP G 120 -12.35 2.14 -26.80
CA ASP G 120 -12.77 3.53 -26.52
C ASP G 120 -13.62 3.56 -25.24
N ASP G 121 -14.10 4.75 -24.87
CA ASP G 121 -14.98 4.92 -23.70
C ASP G 121 -16.20 4.03 -23.65
N ALA G 122 -16.78 3.70 -24.78
CA ALA G 122 -17.96 2.81 -24.79
C ALA G 122 -17.65 1.31 -24.67
N GLY G 123 -16.36 0.93 -24.60
CA GLY G 123 -15.98 -0.50 -24.62
C GLY G 123 -15.94 -1.22 -25.99
N LEU G 124 -15.87 -0.43 -27.07
CA LEU G 124 -15.72 -0.94 -28.43
C LEU G 124 -14.27 -0.79 -28.91
N ILE G 125 -13.83 -1.77 -29.71
CA ILE G 125 -12.45 -1.84 -30.14
C ILE G 125 -12.17 -0.75 -31.19
N THR G 126 -11.08 -0.02 -30.99
CA THR G 126 -10.58 0.99 -31.93
C THR G 126 -9.21 0.64 -32.59
N ASN G 127 -8.50 -0.34 -32.06
CA ASN G 127 -7.19 -0.69 -32.58
C ASN G 127 -6.95 -2.14 -32.28
N LEU G 128 -6.75 -2.94 -33.34
CA LEU G 128 -6.25 -4.35 -33.28
C LEU G 128 -4.99 -4.39 -34.13
N ARG G 129 -3.87 -4.69 -33.53
CA ARG G 129 -2.57 -4.48 -34.18
C ARG G 129 -1.69 -5.68 -33.97
N GLY G 130 -1.12 -6.19 -35.08
CA GLY G 130 -0.28 -7.41 -35.07
C GLY G 130 1.18 -7.15 -35.34
N TYR G 131 2.06 -7.68 -34.50
CA TYR G 131 3.51 -7.63 -34.72
C TYR G 131 4.04 -9.00 -35.24
N TRP G 132 3.93 -9.19 -36.55
CA TRP G 132 4.48 -10.35 -37.23
C TRP G 132 4.78 -10.08 -38.74
N ASN G 133 5.83 -10.75 -39.28
CA ASN G 133 6.21 -10.84 -40.74
C ASN G 133 5.67 -12.07 -41.43
N MET G 134 5.80 -12.09 -42.77
CA MET G 134 5.76 -13.36 -43.53
C MET G 134 6.85 -14.34 -43.07
N ASP G 135 8.05 -13.87 -42.76
CA ASP G 135 9.15 -14.69 -42.14
C ASP G 135 8.78 -15.48 -40.90
N ALA G 136 7.82 -15.00 -40.12
CA ALA G 136 7.36 -15.72 -38.95
C ALA G 136 6.20 -16.66 -39.32
N MET G 137 5.51 -16.43 -40.44
CA MET G 137 4.51 -17.41 -40.89
C MET G 137 5.09 -18.78 -41.28
N THR G 138 4.28 -19.82 -41.05
CA THR G 138 4.56 -21.19 -41.49
C THR G 138 3.34 -21.75 -42.17
N PHE G 139 3.59 -22.65 -43.13
CA PHE G 139 2.57 -23.26 -43.98
C PHE G 139 2.65 -24.81 -43.95
N THR G 140 1.51 -25.52 -43.85
CA THR G 140 1.47 -26.97 -43.63
C THR G 140 0.29 -27.67 -44.32
N VAL H 10 15.21 25.62 -6.45
CA VAL H 10 14.28 25.95 -5.31
C VAL H 10 12.91 26.28 -5.86
N SER H 11 11.86 25.76 -5.23
CA SER H 11 10.47 25.91 -5.68
C SER H 11 9.95 27.33 -5.39
N PRO H 12 8.99 27.85 -6.15
CA PRO H 12 8.51 29.20 -5.76
C PRO H 12 7.99 29.29 -4.29
N VAL H 13 7.41 28.21 -3.76
CA VAL H 13 6.87 28.28 -2.39
C VAL H 13 7.97 28.26 -1.31
N VAL H 14 9.09 27.55 -1.60
CA VAL H 14 10.26 27.57 -0.76
C VAL H 14 10.87 28.96 -0.73
N ALA H 15 11.10 29.58 -1.89
CA ALA H 15 11.71 30.93 -2.00
C ALA H 15 10.83 31.97 -1.31
N ALA H 16 9.54 31.98 -1.64
CA ALA H 16 8.59 32.89 -0.96
C ALA H 16 8.61 32.77 0.56
N SER H 17 8.51 31.53 1.05
CA SER H 17 8.45 31.32 2.46
C SER H 17 9.72 31.71 3.14
N GLN H 18 10.84 31.25 2.58
CA GLN H 18 12.16 31.54 3.15
C GLN H 18 12.48 33.05 3.10
N ASN H 19 12.14 33.75 2.02
CA ASN H 19 12.30 35.21 1.94
C ASN H 19 11.41 35.92 2.97
N SER H 20 10.22 35.36 3.23
CA SER H 20 9.30 35.91 4.26
C SER H 20 10.01 35.92 5.63
N TRP H 21 10.56 34.78 6.05
CA TRP H 21 11.29 34.69 7.34
C TRP H 21 12.46 35.65 7.45
N ARG H 22 13.16 35.87 6.33
CA ARG H 22 14.27 36.75 6.29
C ARG H 22 13.81 38.19 6.55
N CYS H 23 12.82 38.63 5.79
CA CYS H 23 12.22 39.95 6.01
C CYS H 23 11.60 40.17 7.43
N VAL H 24 10.84 39.22 8.01
CA VAL H 24 10.29 39.46 9.38
C VAL H 24 11.38 39.54 10.46
N GLN H 25 12.45 38.75 10.33
CA GLN H 25 13.58 38.85 11.28
C GLN H 25 14.32 40.22 11.18
N SER H 26 14.48 40.75 9.96
CA SER H 26 15.02 42.08 9.69
C SER H 26 14.18 43.28 10.16
N GLY H 27 12.84 43.18 10.14
CA GLY H 27 11.95 44.35 10.24
C GLY H 27 11.72 45.08 8.90
N ASP H 28 12.07 44.43 7.79
CA ASP H 28 11.89 44.94 6.41
C ASP H 28 10.41 44.83 6.00
N ARG H 29 9.60 45.79 6.48
CA ARG H 29 8.16 45.83 6.23
C ARG H 29 7.81 45.76 4.75
N GLU H 30 8.55 46.47 3.90
CA GLU H 30 8.21 46.54 2.46
C GLU H 30 8.46 45.23 1.78
N GLY H 31 9.66 44.67 1.98
CA GLY H 31 10.05 43.39 1.39
C GLY H 31 9.06 42.27 1.70
N TRP H 32 8.71 42.18 2.98
CA TRP H 32 7.71 41.26 3.50
C TRP H 32 6.38 41.42 2.83
N LEU H 33 5.86 42.65 2.79
CA LEU H 33 4.54 42.89 2.19
C LEU H 33 4.57 42.68 0.71
N ALA H 34 5.72 42.89 0.08
CA ALA H 34 5.90 42.66 -1.36
C ALA H 34 5.83 41.17 -1.79
N LEU H 35 5.99 40.24 -0.84
CA LEU H 35 5.91 38.78 -1.09
C LEU H 35 4.45 38.33 -1.10
N MET H 36 3.59 39.12 -0.47
CA MET H 36 2.19 38.75 -0.35
C MET H 36 1.41 39.17 -1.58
N ALA H 37 0.44 38.35 -1.93
CA ALA H 37 -0.42 38.63 -3.07
C ALA H 37 -1.57 39.45 -2.53
N ASP H 38 -2.27 40.09 -3.46
CA ASP H 38 -3.41 40.97 -3.17
C ASP H 38 -4.52 40.26 -2.42
N ASP H 39 -4.74 38.98 -2.74
CA ASP H 39 -5.80 38.14 -2.12
C ASP H 39 -5.27 37.28 -0.94
N ILE H 40 -4.11 37.68 -0.41
CA ILE H 40 -3.46 37.05 0.75
C ILE H 40 -4.44 36.82 1.88
N VAL H 41 -4.31 35.69 2.56
CA VAL H 41 -5.07 35.38 3.75
C VAL H 41 -4.11 34.80 4.79
N VAL H 42 -3.96 35.46 5.93
CA VAL H 42 -3.05 34.96 6.97
C VAL H 42 -3.81 34.53 8.23
N GLU H 43 -3.90 33.20 8.42
CA GLU H 43 -4.56 32.57 9.54
C GLU H 43 -3.45 32.08 10.47
N ASP H 44 -3.02 32.97 11.37
CA ASP H 44 -1.98 32.68 12.31
C ASP H 44 -2.46 33.07 13.69
N PRO H 45 -3.10 32.15 14.43
CA PRO H 45 -3.36 30.76 14.04
C PRO H 45 -4.68 30.62 13.33
N ILE H 46 -4.94 29.45 12.78
CA ILE H 46 -6.24 29.11 12.23
C ILE H 46 -7.24 29.11 13.38
N GLY H 47 -8.35 29.82 13.19
CA GLY H 47 -9.39 29.91 14.24
C GLY H 47 -9.36 31.17 15.12
N GLU H 48 -10.37 31.26 15.99
CA GLU H 48 -10.60 32.46 16.79
C GLU H 48 -9.47 32.59 17.79
N ALA H 49 -8.66 33.63 17.61
CA ALA H 49 -7.68 34.04 18.61
C ALA H 49 -7.34 35.54 18.56
N VAL H 50 -6.47 35.97 19.49
CA VAL H 50 -6.09 37.39 19.60
C VAL H 50 -5.58 37.98 18.27
N THR H 51 -4.73 37.22 17.56
CA THR H 51 -4.12 37.62 16.27
C THR H 51 -4.94 37.25 15.02
N ASN H 52 -6.08 36.58 15.23
CA ASN H 52 -7.08 36.15 14.21
C ASN H 52 -8.49 36.29 14.86
N PRO H 53 -9.04 37.54 14.93
CA PRO H 53 -10.17 37.83 15.84
C PRO H 53 -11.54 37.39 15.34
N ASP H 54 -11.86 37.64 14.06
CA ASP H 54 -13.08 37.07 13.45
C ASP H 54 -12.93 35.57 13.10
N GLY H 55 -11.67 35.08 13.05
CA GLY H 55 -11.33 33.65 12.79
C GLY H 55 -11.42 33.17 11.34
N THR H 56 -11.33 34.09 10.39
CA THR H 56 -11.26 33.81 8.95
C THR H 56 -9.97 34.43 8.45
N GLY H 57 -9.07 34.77 9.35
CA GLY H 57 -7.82 35.35 8.97
C GLY H 57 -7.89 36.79 8.54
N VAL H 58 -6.68 37.30 8.29
CA VAL H 58 -6.42 38.64 7.89
C VAL H 58 -6.46 38.61 6.37
N ARG H 59 -7.48 39.23 5.77
CA ARG H 59 -7.76 39.07 4.32
C ARG H 59 -7.38 40.35 3.59
N GLY H 60 -6.54 40.21 2.58
CA GLY H 60 -6.10 41.32 1.76
C GLY H 60 -4.86 42.03 2.26
N LYS H 61 -4.16 42.68 1.33
CA LYS H 61 -2.94 43.40 1.73
C LYS H 61 -3.31 44.45 2.75
N ALA H 62 -4.24 45.33 2.38
CA ALA H 62 -4.60 46.45 3.23
C ALA H 62 -4.69 45.98 4.69
N ALA H 63 -5.45 44.93 4.94
CA ALA H 63 -5.65 44.42 6.29
C ALA H 63 -4.38 43.84 6.93
N LEU H 64 -3.45 43.33 6.09
CA LEU H 64 -2.20 42.70 6.57
C LEU H 64 -1.13 43.76 6.80
N ALA H 65 -1.12 44.81 6.00
CA ALA H 65 -0.33 46.01 6.33
C ALA H 65 -0.66 46.51 7.74
N ALA H 66 -1.95 46.73 7.98
CA ALA H 66 -2.41 47.11 9.32
C ALA H 66 -1.96 46.14 10.41
N PHE H 67 -2.08 44.84 10.15
CA PHE H 67 -1.67 43.76 11.09
C PHE H 67 -0.15 43.75 11.33
N TYR H 68 0.63 43.92 10.26
CA TYR H 68 2.07 44.03 10.43
C TYR H 68 2.38 45.19 11.37
N ASP H 69 1.72 46.34 11.19
CA ASP H 69 2.03 47.57 11.99
C ASP H 69 1.58 47.45 13.47
N THR H 70 0.41 46.84 13.69
CA THR H 70 -0.02 46.47 15.06
C THR H 70 0.90 45.44 15.73
N ASN H 71 1.15 44.26 15.08
CA ASN H 71 1.70 43.01 15.74
C ASN H 71 3.14 42.52 15.44
N ILE H 72 3.79 43.02 14.39
CA ILE H 72 5.11 42.54 14.03
C ILE H 72 6.19 43.62 14.06
N GLY H 73 5.94 44.77 13.42
CA GLY H 73 6.89 45.92 13.34
C GLY H 73 7.42 46.39 14.70
N PRO H 74 6.51 46.62 15.67
CA PRO H 74 6.88 46.99 17.05
C PRO H 74 7.77 46.01 17.79
N ASN H 75 7.59 44.71 17.51
CA ASN H 75 8.25 43.61 18.24
C ASN H 75 9.39 42.99 17.43
N ARG H 76 10.19 42.16 18.10
CA ARG H 76 11.23 41.32 17.48
C ARG H 76 10.66 39.87 17.27
N LEU H 77 10.96 39.26 16.14
CA LEU H 77 10.35 37.97 15.78
C LEU H 77 11.44 37.02 15.31
N ARG H 78 11.62 35.87 15.97
CA ARG H 78 12.52 34.80 15.47
C ARG H 78 11.70 33.59 14.92
N VAL H 79 12.10 33.12 13.74
CA VAL H 79 11.54 31.95 13.10
C VAL H 79 12.68 30.93 13.02
N THR H 80 12.45 29.77 13.62
CA THR H 80 13.33 28.63 13.57
C THR H 80 12.57 27.57 12.75
N CYS H 81 13.11 27.16 11.62
CA CYS H 81 12.52 26.09 10.82
C CYS H 81 13.05 24.73 11.30
N GLU H 82 12.23 23.94 11.98
CA GLU H 82 12.70 22.63 12.42
C GLU H 82 12.51 21.48 11.41
N ALA H 83 11.54 21.57 10.51
CA ALA H 83 11.30 20.47 9.57
C ALA H 83 10.49 20.98 8.41
N THR H 84 10.71 20.35 7.25
CA THR H 84 10.23 20.80 5.98
C THR H 84 9.54 19.63 5.33
N PHE H 85 8.39 19.87 4.73
CA PHE H 85 7.55 18.82 4.15
C PHE H 85 7.06 19.37 2.80
N PRO H 86 7.86 19.17 1.77
CA PRO H 86 7.38 19.49 0.45
C PRO H 86 6.22 18.61 0.04
N SER H 87 5.31 19.19 -0.69
CA SER H 87 4.27 18.44 -1.32
C SER H 87 4.75 18.02 -2.70
N SER H 88 3.85 17.47 -3.50
CA SER H 88 4.14 17.20 -4.90
C SER H 88 3.74 18.39 -5.79
N SER H 89 3.47 19.57 -5.21
CA SER H 89 3.26 20.79 -6.02
C SER H 89 4.36 21.74 -5.63
N PRO H 90 5.01 22.38 -6.61
CA PRO H 90 5.98 23.45 -6.25
C PRO H 90 5.34 24.73 -5.55
N THR H 91 4.01 24.79 -5.54
CA THR H 91 3.18 25.87 -5.06
C THR H 91 2.77 25.80 -3.56
N GLU H 92 3.00 24.66 -2.89
CA GLU H 92 2.59 24.43 -1.50
C GLU H 92 3.57 23.55 -0.73
N ILE H 93 3.73 23.87 0.54
CA ILE H 93 4.67 23.20 1.42
C ILE H 93 4.17 23.37 2.83
N ALA H 94 4.65 22.53 3.75
CA ALA H 94 4.37 22.63 5.14
C ALA H 94 5.64 22.54 5.97
N TYR H 95 5.67 23.21 7.12
CA TYR H 95 6.83 23.29 7.97
C TYR H 95 6.42 23.07 9.39
N ILE H 96 7.38 22.67 10.22
CA ILE H 96 7.29 22.84 11.64
C ILE H 96 8.18 24.02 11.95
N LEU H 97 7.60 25.08 12.51
CA LEU H 97 8.30 26.31 12.87
C LEU H 97 8.09 26.58 14.35
N VAL H 98 9.08 27.21 14.97
CA VAL H 98 8.96 27.84 16.25
C VAL H 98 9.03 29.33 16.00
N LEU H 99 7.96 30.04 16.35
CA LEU H 99 7.91 31.54 16.25
C LEU H 99 8.05 32.18 17.64
N GLU H 100 9.01 33.08 17.78
CA GLU H 100 9.40 33.64 19.09
C GLU H 100 9.20 35.12 18.93
N THR H 101 8.19 35.65 19.62
CA THR H 101 7.89 37.08 19.56
C THR H 101 8.39 37.75 20.87
N THR H 102 9.36 38.64 20.74
CA THR H 102 9.82 39.44 21.87
C THR H 102 9.13 40.81 21.85
N PHE H 103 8.32 41.09 22.88
CA PHE H 103 7.64 42.40 23.02
C PHE H 103 8.52 43.56 23.59
N PRO H 104 8.08 44.84 23.37
CA PRO H 104 8.92 45.95 23.86
C PRO H 104 8.83 46.17 25.40
N ASN H 105 7.89 45.48 26.11
CA ASN H 105 7.88 45.38 27.59
C ASN H 105 8.72 44.21 28.20
N GLY H 106 9.72 43.67 27.48
CA GLY H 106 10.47 42.48 27.93
C GLY H 106 9.79 41.09 27.88
N PHE H 107 8.49 41.03 27.61
CA PHE H 107 7.76 39.74 27.45
C PHE H 107 8.17 38.95 26.15
N VAL H 108 8.43 37.65 26.30
CA VAL H 108 8.71 36.74 25.18
C VAL H 108 7.75 35.58 25.12
N ALA H 109 7.10 35.44 23.97
CA ALA H 109 6.14 34.37 23.72
C ALA H 109 6.58 33.49 22.54
N THR H 110 6.49 32.18 22.73
CA THR H 110 7.07 31.21 21.81
C THR H 110 6.01 30.18 21.46
N VAL H 111 5.84 29.91 20.18
CA VAL H 111 4.95 28.85 19.79
C VAL H 111 5.54 27.97 18.71
N ARG H 112 5.20 26.68 18.80
CA ARG H 112 5.63 25.62 17.92
C ARG H 112 4.40 25.12 17.23
N GLY H 113 4.37 25.12 15.93
CA GLY H 113 3.40 24.29 15.24
C GLY H 113 3.67 24.09 13.76
N VAL H 114 2.70 23.49 13.07
CA VAL H 114 2.75 23.33 11.63
C VAL H 114 2.24 24.58 10.97
N PHE H 115 2.93 25.05 9.93
CA PHE H 115 2.53 26.22 9.15
C PHE H 115 2.57 25.82 7.69
N THR H 116 1.48 26.08 6.96
CA THR H 116 1.43 25.78 5.53
C THR H 116 1.44 27.04 4.71
N TYR H 117 2.08 26.98 3.55
CA TYR H 117 2.19 28.09 2.62
C TYR H 117 1.68 27.64 1.27
N ARG H 118 1.13 28.61 0.54
CA ARG H 118 0.66 28.43 -0.80
C ARG H 118 1.03 29.69 -1.52
N VAL H 119 1.52 29.53 -2.76
CA VAL H 119 1.77 30.68 -3.63
C VAL H 119 0.93 30.58 -4.87
N ASP H 120 0.72 31.74 -5.53
CA ASP H 120 0.00 31.78 -6.83
C ASP H 120 0.98 31.57 -7.99
N ASP H 121 0.48 31.63 -9.24
CA ASP H 121 1.31 31.44 -10.46
C ASP H 121 2.44 32.43 -10.58
N ALA H 122 2.29 33.59 -9.95
CA ALA H 122 3.32 34.62 -9.91
C ALA H 122 4.41 34.43 -8.82
N GLY H 123 4.27 33.43 -7.94
CA GLY H 123 5.25 33.23 -6.87
C GLY H 123 5.04 34.10 -5.61
N LEU H 124 3.81 34.64 -5.48
CA LEU H 124 3.38 35.47 -4.36
C LEU H 124 2.54 34.67 -3.40
N ILE H 125 2.72 34.95 -2.11
CA ILE H 125 2.08 34.14 -1.06
C ILE H 125 0.62 34.45 -0.99
N THR H 126 -0.20 33.41 -1.08
CA THR H 126 -1.64 33.49 -1.04
C THR H 126 -2.24 33.05 0.30
N ASN H 127 -1.54 32.17 1.01
CA ASN H 127 -2.08 31.56 2.20
C ASN H 127 -0.90 31.22 3.10
N LEU H 128 -0.96 31.69 4.35
CA LEU H 128 0.00 31.46 5.43
C LEU H 128 -0.86 31.02 6.55
N ARG H 129 -0.81 29.74 6.94
CA ARG H 129 -1.79 29.20 7.88
C ARG H 129 -1.03 28.46 8.96
N GLY H 130 -1.41 28.59 10.23
CA GLY H 130 -0.60 28.04 11.32
C GLY H 130 -1.41 27.14 12.19
N TYR H 131 -0.94 25.92 12.48
CA TYR H 131 -1.69 25.02 13.32
C TYR H 131 -1.14 25.02 14.75
N TRP H 132 -1.66 25.94 15.55
CA TRP H 132 -1.37 26.01 16.95
C TRP H 132 -2.49 26.68 17.77
N ASN H 133 -2.48 26.42 19.08
CA ASN H 133 -3.29 27.11 20.11
C ASN H 133 -2.41 27.34 21.36
N MET H 134 -3.00 27.72 22.50
CA MET H 134 -2.22 28.08 23.71
C MET H 134 -1.68 26.94 24.56
N ASP H 135 -2.17 25.73 24.39
CA ASP H 135 -1.47 24.52 24.91
C ASP H 135 -0.11 24.29 24.22
N ALA H 136 0.23 25.16 23.27
CA ALA H 136 1.49 25.11 22.58
C ALA H 136 2.30 26.40 22.71
N MET H 137 1.82 27.34 23.54
CA MET H 137 2.50 28.63 23.76
C MET H 137 3.27 28.52 25.08
N THR H 138 4.35 29.29 25.16
CA THR H 138 5.30 29.25 26.25
C THR H 138 5.78 30.69 26.47
N PHE H 139 6.14 31.01 27.70
CA PHE H 139 6.29 32.42 28.06
C PHE H 139 7.44 32.58 28.95
N THR H 140 8.14 33.70 28.80
CA THR H 140 9.16 34.05 29.80
C THR H 140 9.23 35.53 30.10
#